data_8BLP
#
_entry.id   8BLP
#
_cell.length_a   1.00
_cell.length_b   1.00
_cell.length_c   1.00
_cell.angle_alpha   90.00
_cell.angle_beta   90.00
_cell.angle_gamma   90.00
#
_symmetry.space_group_name_H-M   'P 1'
#
loop_
_entity.id
_entity.type
_entity.pdbx_description
1 polymer 'Urea transporter 1'
2 non-polymer PHOSPHATIDYLETHANOLAMINE
3 non-polymer DODECYL-BETA-D-MALTOSIDE
4 non-polymer 10-(4-ethylphenyl)sulfonyl-~{N}-(thiophen-2-ylmethyl)-5-thia-1,8,11,12-tetrazatricyclo[7.3.0.0^{2,6}]dodeca-2(6),3,7,9,11-pentaen-7-amine
5 non-polymer 'CHOLESTEROL HEMISUCCINATE'
6 water water
#
_entity_poly.entity_id   1
_entity_poly.type   'polypeptide(L)'
_entity_poly.pdbx_seq_one_letter_code
;MFPKALGYVTGDMKELANQLKDKPVVLQFIDWILRGISQVVFVNNPVSGILILVGLLVQNPWWALTGWLGTVVSTLMALL
LSQDRSLIASGLYGYNATLVGVLMAVFSDKGDYFWWLLLPVCAMSMTCPIFSSALNSVLSKWDLPVFTLPFNMALSMYLS
ATGHYNPFFPAKLVIPITTAPQISWSDLSALELLKSIPVGVGQIYGCDNPWTGGIFLGAILLSSPLMCLHAAIGSLLGIA
AGLSLSAPFENIYFGLWGFNSSLACIAMGGMFMALTWQTHLLALGCALFTAYLGVGMANFMAEVGLPACTWPFCLATLLF
LIMTTKNSNIYKMPLSKVTYPEENRIFYLQAKKRMVESPLAENLYFQ
;
_entity_poly.pdbx_strand_id   A,B,C
#
# COMPACT_ATOMS: atom_id res chain seq x y z
N PHE A 2 47.92 12.85 17.50
CA PHE A 2 47.09 11.97 16.67
C PHE A 2 45.72 11.64 17.29
N PRO A 3 45.68 11.28 18.58
CA PRO A 3 44.35 10.99 19.18
C PRO A 3 43.39 12.17 19.12
N LYS A 4 43.91 13.40 19.20
CA LYS A 4 43.03 14.57 19.08
C LYS A 4 42.36 14.61 17.71
N ALA A 5 43.16 14.44 16.65
CA ALA A 5 42.58 14.43 15.31
C ALA A 5 41.59 13.28 15.14
N LEU A 6 41.90 12.11 15.71
CA LEU A 6 40.99 10.99 15.62
C LEU A 6 39.65 11.31 16.28
N GLY A 7 39.69 11.83 17.51
CA GLY A 7 38.47 12.24 18.16
C GLY A 7 37.75 13.33 17.40
N TYR A 8 38.49 14.12 16.62
CA TYR A 8 37.86 15.19 15.85
C TYR A 8 37.13 14.66 14.62
N VAL A 9 37.63 13.58 14.02
CA VAL A 9 37.06 13.06 12.77
C VAL A 9 36.12 11.88 12.99
N THR A 10 35.81 11.52 14.22
CA THR A 10 34.95 10.38 14.52
C THR A 10 33.55 10.84 14.89
N GLY A 11 32.64 9.87 14.90
CA GLY A 11 31.29 10.15 15.34
C GLY A 11 30.50 10.91 14.28
N ASP A 12 29.94 12.05 14.68
CA ASP A 12 29.22 12.93 13.78
C ASP A 12 29.99 14.17 13.41
N MET A 13 31.15 14.42 14.03
CA MET A 13 31.94 15.62 13.81
C MET A 13 31.15 16.88 14.13
N LYS A 14 30.78 17.01 15.41
CA LYS A 14 29.98 18.14 15.84
C LYS A 14 30.81 19.42 15.88
N GLU A 15 32.08 19.33 16.28
CA GLU A 15 32.91 20.51 16.36
C GLU A 15 33.08 21.16 15.01
N LEU A 16 33.33 20.36 13.97
CA LEU A 16 33.39 20.91 12.62
C LEU A 16 32.04 21.46 12.18
N ALA A 17 30.95 20.84 12.62
CA ALA A 17 29.63 21.34 12.25
C ALA A 17 29.42 22.76 12.76
N ASN A 18 29.81 23.02 14.01
CA ASN A 18 29.71 24.38 14.54
C ASN A 18 30.67 25.32 13.84
N GLN A 19 31.94 24.92 13.74
CA GLN A 19 32.94 25.77 13.09
C GLN A 19 32.52 26.16 11.69
N LEU A 20 31.81 25.28 10.99
CA LEU A 20 31.31 25.60 9.66
C LEU A 20 30.04 26.43 9.71
N LYS A 21 29.20 26.22 10.72
CA LYS A 21 28.09 27.15 10.95
C LYS A 21 28.58 28.58 11.00
N ASP A 22 29.81 28.79 11.47
CA ASP A 22 30.38 30.13 11.38
C ASP A 22 30.89 30.48 9.98
N LYS A 23 31.30 29.49 9.20
CA LYS A 23 32.02 29.72 7.94
C LYS A 23 31.06 30.10 6.82
N PRO A 24 31.59 30.52 5.66
CA PRO A 24 30.72 30.86 4.53
C PRO A 24 29.85 29.68 4.09
N VAL A 25 28.82 30.00 3.30
CA VAL A 25 27.78 29.02 3.00
C VAL A 25 28.22 28.02 1.93
N VAL A 26 29.29 28.30 1.19
CA VAL A 26 29.76 27.34 0.20
C VAL A 26 30.45 26.17 0.88
N LEU A 27 31.28 26.46 1.88
CA LEU A 27 31.89 25.39 2.67
C LEU A 27 30.83 24.58 3.40
N GLN A 28 29.81 25.26 3.94
CA GLN A 28 28.71 24.55 4.58
C GLN A 28 27.99 23.66 3.58
N PHE A 29 27.81 24.13 2.36
CA PHE A 29 27.14 23.31 1.36
C PHE A 29 27.96 22.07 1.02
N ILE A 30 29.27 22.23 0.90
CA ILE A 30 30.14 21.07 0.67
C ILE A 30 30.01 20.08 1.82
N ASP A 31 29.98 20.60 3.05
CA ASP A 31 29.79 19.75 4.22
C ASP A 31 28.47 18.99 4.16
N TRP A 32 27.39 19.67 3.76
CA TRP A 32 26.09 19.01 3.69
C TRP A 32 26.07 17.96 2.60
N ILE A 33 26.79 18.20 1.50
CA ILE A 33 26.87 17.20 0.44
C ILE A 33 27.58 15.96 0.92
N LEU A 34 28.70 16.14 1.63
CA LEU A 34 29.45 14.98 2.12
C LEU A 34 28.66 14.22 3.18
N ARG A 35 27.97 14.94 4.07
CA ARG A 35 27.12 14.28 5.04
C ARG A 35 25.94 13.58 4.38
N GLY A 36 25.44 14.12 3.28
CA GLY A 36 24.38 13.43 2.56
C GLY A 36 24.86 12.19 1.85
N ILE A 37 26.10 12.20 1.37
CA ILE A 37 26.69 11.00 0.80
C ILE A 37 26.81 9.93 1.87
N SER A 38 27.35 10.28 3.04
CA SER A 38 27.55 9.30 4.08
C SER A 38 26.26 8.87 4.77
N GLN A 39 25.21 9.68 4.72
CA GLN A 39 23.96 9.32 5.38
C GLN A 39 23.26 8.15 4.74
N VAL A 40 23.79 7.57 3.66
CA VAL A 40 23.17 6.38 3.11
C VAL A 40 23.35 5.19 4.05
N VAL A 41 24.43 5.18 4.82
CA VAL A 41 24.69 4.13 5.78
C VAL A 41 24.51 4.65 7.19
N PHE A 42 23.55 5.58 7.36
CA PHE A 42 23.18 6.20 8.62
C PHE A 42 24.31 7.01 9.25
N VAL A 43 25.33 7.36 8.50
CA VAL A 43 26.51 8.01 9.04
C VAL A 43 26.44 9.50 8.72
N ASN A 44 26.48 10.33 9.75
CA ASN A 44 26.45 11.78 9.59
C ASN A 44 27.85 12.34 9.83
N ASN A 45 28.73 12.07 8.86
CA ASN A 45 30.14 12.35 8.97
C ASN A 45 30.58 12.78 7.58
N PRO A 46 31.23 13.94 7.43
CA PRO A 46 31.70 14.34 6.11
C PRO A 46 32.96 13.61 5.65
N VAL A 47 33.82 13.21 6.59
CA VAL A 47 35.02 12.46 6.21
C VAL A 47 34.64 11.04 5.80
N SER A 48 33.65 10.45 6.48
CA SER A 48 33.07 9.21 5.99
C SER A 48 32.47 9.39 4.61
N GLY A 49 31.89 10.55 4.33
CA GLY A 49 31.37 10.82 2.99
C GLY A 49 32.47 10.91 1.96
N ILE A 50 33.60 11.49 2.32
CA ILE A 50 34.75 11.52 1.41
C ILE A 50 35.26 10.10 1.14
N LEU A 51 35.31 9.27 2.18
CA LEU A 51 35.78 7.90 1.99
C LEU A 51 34.80 7.10 1.14
N ILE A 52 33.50 7.30 1.33
CA ILE A 52 32.51 6.62 0.51
C ILE A 52 32.57 7.11 -0.92
N LEU A 53 32.87 8.39 -1.13
CA LEU A 53 33.04 8.90 -2.49
C LEU A 53 34.28 8.30 -3.14
N VAL A 54 35.35 8.10 -2.38
CA VAL A 54 36.54 7.44 -2.93
C VAL A 54 36.21 5.99 -3.28
N GLY A 55 35.40 5.34 -2.47
CA GLY A 55 35.00 3.98 -2.80
C GLY A 55 34.15 3.91 -4.04
N LEU A 56 33.25 4.88 -4.22
CA LEU A 56 32.45 4.96 -5.44
C LEU A 56 33.32 5.21 -6.66
N LEU A 57 34.35 6.05 -6.53
CA LEU A 57 35.27 6.25 -7.64
C LEU A 57 36.09 5.00 -7.93
N VAL A 58 36.40 4.21 -6.91
CA VAL A 58 37.09 2.95 -7.13
C VAL A 58 36.19 1.99 -7.91
N GLN A 59 34.91 1.93 -7.55
CA GLN A 59 33.95 1.12 -8.30
C GLN A 59 33.83 1.62 -9.73
N ASN A 60 33.30 2.82 -9.91
CA ASN A 60 32.96 3.38 -11.21
C ASN A 60 32.87 4.89 -11.09
N PRO A 61 33.77 5.65 -11.73
CA PRO A 61 33.68 7.11 -11.63
C PRO A 61 32.40 7.69 -12.20
N TRP A 62 31.77 7.02 -13.17
CA TRP A 62 30.50 7.50 -13.69
C TRP A 62 29.41 7.44 -12.64
N TRP A 63 29.41 6.39 -11.82
CA TRP A 63 28.42 6.26 -10.76
C TRP A 63 28.68 7.28 -9.66
N ALA A 64 29.94 7.56 -9.35
CA ALA A 64 30.26 8.62 -8.41
C ALA A 64 29.79 9.96 -8.91
N LEU A 65 29.98 10.26 -10.20
CA LEU A 65 29.53 11.53 -10.76
C LEU A 65 28.03 11.65 -10.68
N THR A 66 27.29 10.64 -11.12
CA THR A 66 25.84 10.73 -11.09
C THR A 66 25.30 10.80 -9.67
N GLY A 67 25.92 10.08 -8.73
CA GLY A 67 25.43 10.12 -7.36
C GLY A 67 25.74 11.43 -6.66
N TRP A 68 26.93 11.98 -6.89
CA TRP A 68 27.27 13.28 -6.33
C TRP A 68 26.38 14.37 -6.91
N LEU A 69 26.06 14.27 -8.20
CA LEU A 69 25.17 15.26 -8.81
C LEU A 69 23.75 15.13 -8.25
N GLY A 70 23.31 13.90 -8.01
CA GLY A 70 22.03 13.72 -7.32
C GLY A 70 22.02 14.37 -5.96
N THR A 71 23.07 14.16 -5.17
CA THR A 71 23.16 14.78 -3.86
C THR A 71 23.09 16.31 -3.96
N VAL A 72 23.86 16.88 -4.90
CA VAL A 72 23.91 18.33 -5.04
C VAL A 72 22.54 18.88 -5.43
N VAL A 73 21.91 18.25 -6.42
CA VAL A 73 20.62 18.74 -6.90
C VAL A 73 19.57 18.63 -5.81
N SER A 74 19.62 17.56 -5.02
CA SER A 74 18.61 17.38 -3.97
C SER A 74 18.81 18.35 -2.82
N THR A 75 20.07 18.61 -2.43
CA THR A 75 20.31 19.59 -1.39
C THR A 75 19.90 20.99 -1.84
N LEU A 76 20.18 21.35 -3.09
CA LEU A 76 19.76 22.65 -3.61
C LEU A 76 18.25 22.74 -3.70
N MET A 77 17.59 21.66 -4.08
CA MET A 77 16.14 21.64 -4.15
C MET A 77 15.51 21.75 -2.78
N ALA A 78 16.10 21.12 -1.77
CA ALA A 78 15.61 21.25 -0.41
C ALA A 78 15.83 22.67 0.12
N LEU A 79 16.93 23.31 -0.28
CA LEU A 79 17.11 24.71 0.07
C LEU A 79 16.04 25.59 -0.59
N LEU A 80 15.70 25.28 -1.83
CA LEU A 80 14.70 26.08 -2.55
C LEU A 80 13.30 25.87 -2.00
N LEU A 81 13.00 24.68 -1.51
CA LEU A 81 11.69 24.36 -0.96
C LEU A 81 11.56 24.74 0.51
N SER A 82 12.52 25.50 1.05
CA SER A 82 12.49 25.98 2.42
C SER A 82 12.25 24.85 3.41
N GLN A 83 13.09 23.83 3.34
CA GLN A 83 13.03 22.73 4.28
C GLN A 83 13.84 23.09 5.53
N ASP A 84 13.68 22.28 6.58
CA ASP A 84 14.41 22.51 7.83
C ASP A 84 15.89 22.53 7.53
N ARG A 85 16.57 23.58 7.97
CA ARG A 85 18.00 23.74 7.73
C ARG A 85 18.79 22.76 8.58
N SER A 86 18.24 22.35 9.73
CA SER A 86 18.92 21.38 10.57
C SER A 86 18.90 20.00 9.93
N LEU A 87 17.86 19.69 9.16
CA LEU A 87 17.84 18.43 8.43
C LEU A 87 18.71 18.51 7.18
N ILE A 88 18.78 19.68 6.55
CA ILE A 88 19.61 19.84 5.37
C ILE A 88 21.08 19.77 5.74
N ALA A 89 21.44 20.28 6.92
CA ALA A 89 22.84 20.37 7.32
C ALA A 89 23.37 19.06 7.87
N SER A 90 22.49 18.16 8.28
CA SER A 90 22.88 16.81 8.63
C SER A 90 22.82 15.85 7.45
N GLY A 91 22.70 16.36 6.23
CA GLY A 91 22.67 15.53 5.05
C GLY A 91 21.43 14.70 4.86
N LEU A 92 20.36 15.00 5.57
CA LEU A 92 19.15 14.19 5.49
C LEU A 92 18.26 14.56 4.31
N TYR A 93 18.72 15.45 3.43
CA TYR A 93 18.01 15.78 2.20
C TYR A 93 18.84 15.47 0.96
N GLY A 94 19.90 14.68 1.11
CA GLY A 94 20.78 14.40 0.00
C GLY A 94 21.13 12.94 -0.20
N TYR A 95 20.77 12.07 0.74
CA TYR A 95 21.20 10.69 0.64
C TYR A 95 20.29 9.86 -0.26
N ASN A 96 18.99 10.14 -0.24
CA ASN A 96 18.08 9.45 -1.14
C ASN A 96 18.40 9.79 -2.59
N ALA A 97 18.88 11.00 -2.84
CA ALA A 97 19.26 11.35 -4.20
C ALA A 97 20.65 10.89 -4.55
N THR A 98 21.54 10.75 -3.57
CA THR A 98 22.78 10.03 -3.82
C THR A 98 22.48 8.64 -4.34
N LEU A 99 21.54 7.95 -3.68
CA LEU A 99 21.15 6.63 -4.15
C LEU A 99 20.47 6.69 -5.50
N VAL A 100 19.57 7.64 -5.70
CA VAL A 100 18.90 7.78 -7.00
C VAL A 100 19.93 7.96 -8.11
N GLY A 101 20.91 8.83 -7.90
CA GLY A 101 21.89 9.09 -8.93
C GLY A 101 22.80 7.91 -9.19
N VAL A 102 23.19 7.18 -8.14
CA VAL A 102 24.05 6.03 -8.36
C VAL A 102 23.30 4.91 -9.07
N LEU A 103 22.06 4.65 -8.69
CA LEU A 103 21.35 3.49 -9.19
C LEU A 103 20.50 3.77 -10.42
N MET A 104 20.43 5.02 -10.85
CA MET A 104 19.96 5.28 -12.21
C MET A 104 21.02 4.96 -13.24
N ALA A 105 22.29 5.08 -12.88
CA ALA A 105 23.41 4.67 -13.72
C ALA A 105 23.69 3.19 -13.60
N VAL A 106 23.50 2.61 -12.42
CA VAL A 106 23.62 1.15 -12.29
C VAL A 106 22.59 0.44 -13.15
N PHE A 107 21.32 0.88 -13.08
CA PHE A 107 20.24 0.23 -13.78
C PHE A 107 20.00 0.82 -15.17
N SER A 108 21.03 1.37 -15.78
CA SER A 108 20.93 1.99 -17.10
C SER A 108 21.46 1.03 -18.15
N ASP A 109 20.78 0.99 -19.29
CA ASP A 109 21.14 0.12 -20.39
C ASP A 109 21.98 0.81 -21.45
N LYS A 110 22.49 2.00 -21.17
CA LYS A 110 23.24 2.77 -22.15
C LYS A 110 24.72 2.87 -21.83
N GLY A 111 25.19 2.19 -20.79
CA GLY A 111 26.60 2.12 -20.51
C GLY A 111 27.11 3.33 -19.76
N ASP A 112 28.43 3.34 -19.55
CA ASP A 112 29.07 4.38 -18.77
C ASP A 112 29.15 5.67 -19.56
N TYR A 113 29.05 6.79 -18.84
CA TYR A 113 29.17 8.12 -19.41
C TYR A 113 28.16 8.33 -20.52
N PHE A 114 26.92 7.91 -20.26
CA PHE A 114 25.77 8.24 -21.09
C PHE A 114 25.28 9.60 -20.62
N TRP A 115 25.84 10.65 -21.19
CA TRP A 115 25.67 11.99 -20.62
C TRP A 115 24.23 12.43 -20.54
N TRP A 116 23.39 11.99 -21.48
CA TRP A 116 21.97 12.32 -21.41
C TRP A 116 21.32 11.86 -20.12
N LEU A 117 21.86 10.81 -19.49
CA LEU A 117 21.31 10.35 -18.23
C LEU A 117 21.36 11.42 -17.15
N LEU A 118 22.20 12.43 -17.32
CA LEU A 118 22.25 13.49 -16.32
C LEU A 118 20.96 14.30 -16.29
N LEU A 119 20.13 14.20 -17.33
CA LEU A 119 18.86 14.94 -17.32
C LEU A 119 17.82 14.27 -16.45
N PRO A 120 17.53 12.97 -16.57
CA PRO A 120 16.61 12.36 -15.62
C PRO A 120 17.15 12.29 -14.20
N VAL A 121 18.45 12.04 -14.03
CA VAL A 121 19.06 12.12 -12.70
C VAL A 121 18.62 13.39 -11.99
N CYS A 122 19.02 14.56 -12.52
CA CYS A 122 18.56 15.82 -11.95
C CYS A 122 17.06 15.81 -11.69
N ALA A 123 16.27 15.41 -12.68
CA ALA A 123 14.83 15.41 -12.51
C ALA A 123 14.42 14.62 -11.28
N MET A 124 14.87 13.36 -11.19
CA MET A 124 14.46 12.55 -10.05
C MET A 124 15.10 13.05 -8.78
N SER A 125 16.26 13.69 -8.88
CA SER A 125 16.89 14.25 -7.69
C SER A 125 16.13 15.46 -7.18
N MET A 126 15.28 16.06 -8.02
CA MET A 126 14.41 17.11 -7.52
C MET A 126 13.14 16.56 -6.90
N THR A 127 12.85 15.27 -7.12
CA THR A 127 11.68 14.69 -6.51
C THR A 127 11.98 14.14 -5.13
N CYS A 128 13.25 13.91 -4.82
CA CYS A 128 13.60 13.27 -3.56
C CYS A 128 13.38 14.15 -2.34
N PRO A 129 13.59 15.48 -2.38
CA PRO A 129 13.15 16.30 -1.24
C PRO A 129 11.66 16.24 -1.01
N ILE A 130 10.85 16.40 -2.06
CA ILE A 130 9.41 16.30 -1.93
C ILE A 130 9.00 14.99 -1.27
N PHE A 131 9.39 13.87 -1.87
CA PHE A 131 9.23 12.58 -1.21
C PHE A 131 9.69 12.65 0.24
N SER A 132 10.94 13.05 0.44
CA SER A 132 11.50 13.07 1.79
C SER A 132 10.66 13.92 2.71
N SER A 133 10.15 15.05 2.20
CA SER A 133 9.32 15.90 3.04
C SER A 133 8.00 15.22 3.35
N ALA A 134 7.30 14.74 2.30
CA ALA A 134 5.97 14.18 2.51
C ALA A 134 6.01 13.03 3.50
N LEU A 135 6.84 12.04 3.22
CA LEU A 135 6.97 10.92 4.14
C LEU A 135 7.40 11.37 5.53
N ASN A 136 8.31 12.33 5.62
CA ASN A 136 8.77 12.75 6.93
C ASN A 136 7.65 13.40 7.72
N SER A 137 6.64 13.92 7.03
CA SER A 137 5.42 14.30 7.72
C SER A 137 4.75 13.06 8.28
N VAL A 138 4.31 12.19 7.38
CA VAL A 138 3.54 11.01 7.77
C VAL A 138 4.24 10.25 8.89
N LEU A 139 5.50 9.90 8.67
CA LEU A 139 6.19 9.01 9.58
C LEU A 139 6.65 9.71 10.85
N SER A 140 6.70 11.04 10.90
CA SER A 140 7.13 11.65 12.14
C SER A 140 6.00 11.92 13.10
N LYS A 141 4.75 11.89 12.62
CA LYS A 141 3.59 11.81 13.50
C LYS A 141 3.78 10.71 14.54
N TRP A 142 4.35 9.57 14.14
CA TRP A 142 4.47 8.41 15.00
C TRP A 142 5.93 8.06 15.27
N ASP A 143 6.81 9.05 15.13
CA ASP A 143 8.21 8.98 15.55
C ASP A 143 8.95 7.85 14.85
N LEU A 144 8.76 7.78 13.54
CA LEU A 144 9.37 6.72 12.74
C LEU A 144 10.33 7.32 11.73
N PRO A 145 11.46 6.66 11.47
CA PRO A 145 12.38 7.17 10.46
C PRO A 145 11.87 6.92 9.05
N VAL A 146 12.32 7.78 8.14
CA VAL A 146 11.88 7.71 6.74
C VAL A 146 12.64 6.62 6.01
N PHE A 147 13.90 6.39 6.37
CA PHE A 147 14.78 5.37 5.77
C PHE A 147 15.02 5.77 4.31
N THR A 148 15.05 4.83 3.38
CA THR A 148 15.27 5.13 1.97
C THR A 148 14.00 4.92 1.17
N LEU A 149 12.86 5.26 1.76
CA LEU A 149 11.58 5.21 1.06
C LEU A 149 11.50 6.28 -0.02
N PRO A 150 12.06 7.49 0.18
CA PRO A 150 12.06 8.44 -0.95
C PRO A 150 12.84 7.95 -2.15
N PHE A 151 14.03 7.38 -1.91
CA PHE A 151 14.80 6.79 -2.99
C PHE A 151 14.04 5.66 -3.66
N ASN A 152 13.38 4.82 -2.88
CA ASN A 152 12.70 3.67 -3.44
C ASN A 152 11.50 4.08 -4.28
N MET A 153 10.72 5.04 -3.79
CA MET A 153 9.60 5.55 -4.58
C MET A 153 10.08 6.25 -5.84
N ALA A 154 11.11 7.08 -5.74
CA ALA A 154 11.63 7.76 -6.92
C ALA A 154 12.17 6.78 -7.96
N LEU A 155 12.91 5.75 -7.52
CA LEU A 155 13.50 4.83 -8.48
C LEU A 155 12.45 3.89 -9.06
N SER A 156 11.50 3.43 -8.26
CA SER A 156 10.41 2.64 -8.80
C SER A 156 9.64 3.43 -9.83
N MET A 157 9.33 4.70 -9.54
CA MET A 157 8.63 5.55 -10.48
C MET A 157 9.43 5.73 -11.77
N TYR A 158 10.74 5.99 -11.65
CA TYR A 158 11.55 6.22 -12.85
C TYR A 158 11.69 4.95 -13.68
N LEU A 159 12.00 3.82 -13.05
CA LEU A 159 12.24 2.59 -13.79
C LEU A 159 10.95 2.02 -14.35
N SER A 160 9.81 2.38 -13.77
CA SER A 160 8.54 2.08 -14.42
C SER A 160 8.26 3.01 -15.59
N ALA A 161 8.54 4.31 -15.42
CA ALA A 161 8.26 5.26 -16.48
C ALA A 161 9.07 4.97 -17.72
N THR A 162 10.33 4.60 -17.56
CA THR A 162 11.21 4.35 -18.70
C THR A 162 11.11 2.89 -19.15
N GLY A 163 11.54 1.98 -18.30
CA GLY A 163 11.51 0.59 -18.66
C GLY A 163 12.63 0.21 -19.62
N HIS A 164 12.61 -1.03 -20.05
CA HIS A 164 13.65 -1.54 -20.93
C HIS A 164 13.52 -1.04 -22.35
N TYR A 165 12.32 -0.63 -22.77
CA TYR A 165 12.06 -0.32 -24.17
C TYR A 165 11.87 1.17 -24.41
N ASN A 166 12.35 2.01 -23.52
CA ASN A 166 12.30 3.44 -23.76
C ASN A 166 13.31 3.80 -24.83
N PRO A 167 12.94 4.57 -25.85
CA PRO A 167 13.90 4.94 -26.88
C PRO A 167 14.99 5.87 -26.39
N PHE A 168 14.75 6.62 -25.32
CA PHE A 168 15.69 7.60 -24.81
C PHE A 168 16.56 7.04 -23.70
N PHE A 169 15.95 6.63 -22.59
CA PHE A 169 16.66 6.13 -21.41
C PHE A 169 16.16 4.72 -21.13
N PRO A 170 16.69 3.71 -21.81
CA PRO A 170 16.30 2.34 -21.51
C PRO A 170 16.96 1.83 -20.25
N ALA A 171 16.21 1.05 -19.49
CA ALA A 171 16.71 0.47 -18.25
C ALA A 171 17.16 -0.97 -18.49
N LYS A 172 17.77 -1.54 -17.46
CA LYS A 172 18.14 -2.95 -17.52
C LYS A 172 16.89 -3.81 -17.50
N LEU A 173 16.98 -4.97 -18.12
CA LEU A 173 15.86 -5.91 -18.15
C LEU A 173 15.85 -6.71 -16.86
N VAL A 174 14.77 -6.58 -16.09
CA VAL A 174 14.55 -7.37 -14.89
C VAL A 174 13.71 -8.58 -15.29
N ILE A 175 14.32 -9.75 -15.28
CA ILE A 175 13.69 -10.98 -15.74
C ILE A 175 13.21 -11.76 -14.52
N PRO A 176 11.97 -12.25 -14.51
CA PRO A 176 11.57 -13.21 -13.49
C PRO A 176 12.21 -14.57 -13.73
N ILE A 177 12.34 -15.32 -12.66
CA ILE A 177 12.80 -16.71 -12.76
C ILE A 177 11.66 -17.56 -13.29
N THR A 178 11.96 -18.44 -14.23
CA THR A 178 10.97 -19.33 -14.80
C THR A 178 11.50 -20.75 -14.94
N THR A 179 12.61 -21.07 -14.29
CA THR A 179 13.11 -22.43 -14.24
C THR A 179 13.94 -22.57 -12.98
N ALA A 180 14.02 -23.80 -12.48
CA ALA A 180 14.73 -24.03 -11.24
C ALA A 180 16.23 -23.92 -11.47
N PRO A 181 16.97 -23.21 -10.62
CA PRO A 181 18.41 -23.12 -10.79
C PRO A 181 19.10 -24.41 -10.40
N GLN A 182 20.16 -24.74 -11.13
CA GLN A 182 20.98 -25.90 -10.81
C GLN A 182 22.14 -25.43 -9.95
N ILE A 183 22.08 -25.76 -8.65
CA ILE A 183 23.11 -25.39 -7.69
C ILE A 183 24.01 -26.59 -7.48
N SER A 184 25.31 -26.41 -7.59
CA SER A 184 26.29 -27.46 -7.36
C SER A 184 26.99 -27.13 -6.03
N TRP A 185 26.50 -27.73 -4.96
CA TRP A 185 27.01 -27.41 -3.62
C TRP A 185 28.47 -27.79 -3.44
N SER A 186 29.03 -28.62 -4.33
CA SER A 186 30.44 -28.93 -4.25
C SER A 186 31.32 -27.82 -4.83
N ASP A 187 30.73 -26.91 -5.60
CA ASP A 187 31.45 -25.78 -6.15
C ASP A 187 31.34 -24.54 -5.28
N LEU A 188 30.73 -24.65 -4.11
CA LEU A 188 30.64 -23.49 -3.20
C LEU A 188 32.01 -23.16 -2.67
N SER A 189 32.39 -21.89 -2.79
CA SER A 189 33.69 -21.41 -2.35
C SER A 189 33.56 -20.75 -0.99
N ALA A 190 34.40 -21.17 -0.05
CA ALA A 190 34.45 -20.49 1.24
C ALA A 190 35.09 -19.10 1.11
N LEU A 191 36.05 -18.96 0.20
CA LEU A 191 36.69 -17.67 0.00
C LEU A 191 35.73 -16.65 -0.60
N GLU A 192 34.94 -17.08 -1.59
CA GLU A 192 33.94 -16.17 -2.16
C GLU A 192 32.85 -15.85 -1.15
N LEU A 193 32.50 -16.78 -0.28
CA LEU A 193 31.52 -16.49 0.76
C LEU A 193 32.07 -15.51 1.78
N LEU A 194 33.37 -15.59 2.07
CA LEU A 194 33.99 -14.61 2.96
C LEU A 194 34.08 -13.25 2.29
N LYS A 195 34.36 -13.23 0.99
CA LYS A 195 34.44 -11.99 0.24
C LYS A 195 33.08 -11.35 0.03
N SER A 196 32.01 -12.14 0.12
CA SER A 196 30.66 -11.59 -0.02
C SER A 196 30.22 -10.72 1.15
N ILE A 197 30.99 -10.69 2.25
CA ILE A 197 30.62 -9.87 3.39
C ILE A 197 30.87 -8.39 3.05
N PRO A 198 32.05 -7.99 2.56
CA PRO A 198 32.19 -6.60 2.12
C PRO A 198 31.41 -6.27 0.87
N VAL A 199 31.10 -7.26 0.02
CA VAL A 199 30.40 -6.95 -1.23
C VAL A 199 28.93 -6.59 -0.96
N GLY A 200 28.33 -7.11 0.10
CA GLY A 200 26.98 -6.67 0.45
C GLY A 200 26.96 -5.26 1.01
N VAL A 201 27.95 -4.92 1.82
CA VAL A 201 28.10 -3.54 2.29
C VAL A 201 28.34 -2.61 1.11
N GLY A 202 29.10 -3.05 0.12
CA GLY A 202 29.27 -2.27 -1.08
C GLY A 202 27.99 -2.13 -1.88
N GLN A 203 27.23 -3.22 -2.00
CA GLN A 203 25.96 -3.19 -2.72
C GLN A 203 24.92 -2.33 -2.03
N ILE A 204 25.15 -1.95 -0.77
CA ILE A 204 24.34 -0.89 -0.18
C ILE A 204 24.22 0.30 -1.14
N TYR A 205 25.31 0.62 -1.85
CA TYR A 205 25.32 1.67 -2.86
C TYR A 205 25.22 1.13 -4.28
N GLY A 206 25.05 -0.18 -4.45
CA GLY A 206 24.99 -0.75 -5.78
C GLY A 206 26.32 -1.18 -6.35
N CYS A 207 27.35 -1.28 -5.52
CA CYS A 207 28.72 -1.49 -5.98
C CYS A 207 29.17 -2.91 -5.66
N ASP A 208 29.53 -3.67 -6.69
CA ASP A 208 29.96 -5.06 -6.54
C ASP A 208 31.44 -5.21 -6.28
N ASN A 209 32.19 -4.13 -6.23
CA ASN A 209 33.61 -4.21 -5.92
C ASN A 209 33.78 -4.62 -4.47
N PRO A 210 34.67 -5.56 -4.16
CA PRO A 210 34.96 -5.84 -2.75
C PRO A 210 35.82 -4.78 -2.10
N TRP A 211 36.68 -4.11 -2.87
CA TRP A 211 37.45 -3.00 -2.33
C TRP A 211 36.55 -1.82 -1.99
N THR A 212 35.55 -1.57 -2.82
CA THR A 212 34.57 -0.53 -2.51
C THR A 212 33.82 -0.84 -1.23
N GLY A 213 33.45 -2.11 -1.03
CA GLY A 213 32.79 -2.49 0.20
C GLY A 213 33.70 -2.38 1.41
N GLY A 214 34.98 -2.71 1.24
CA GLY A 214 35.93 -2.50 2.32
C GLY A 214 36.12 -1.04 2.67
N ILE A 215 36.11 -0.17 1.66
CA ILE A 215 36.23 1.26 1.91
C ILE A 215 34.97 1.79 2.59
N PHE A 216 33.80 1.27 2.22
CA PHE A 216 32.58 1.67 2.90
C PHE A 216 32.58 1.20 4.35
N LEU A 217 33.06 -0.01 4.61
CA LEU A 217 33.16 -0.48 5.99
C LEU A 217 34.16 0.36 6.77
N GLY A 218 35.24 0.81 6.12
CA GLY A 218 36.17 1.69 6.79
C GLY A 218 35.57 3.03 7.14
N ALA A 219 34.73 3.57 6.25
CA ALA A 219 34.03 4.82 6.54
C ALA A 219 33.06 4.64 7.72
N ILE A 220 32.29 3.56 7.70
CA ILE A 220 31.36 3.29 8.80
C ILE A 220 32.12 3.10 10.11
N LEU A 221 33.28 2.44 10.06
CA LEU A 221 34.09 2.25 11.25
C LEU A 221 34.66 3.57 11.74
N LEU A 222 34.99 4.47 10.82
CA LEU A 222 35.41 5.81 11.24
C LEU A 222 34.31 6.52 12.00
N SER A 223 33.06 6.40 11.54
CA SER A 223 31.97 6.99 12.30
C SER A 223 31.75 6.28 13.62
N SER A 224 31.39 5.00 13.58
CA SER A 224 31.11 4.23 14.78
C SER A 224 31.51 2.77 14.57
N PRO A 225 32.38 2.22 15.40
CA PRO A 225 32.74 0.80 15.25
C PRO A 225 31.57 -0.15 15.40
N LEU A 226 30.57 0.17 16.23
CA LEU A 226 29.41 -0.69 16.38
C LEU A 226 28.60 -0.74 15.09
N MET A 227 28.50 0.38 14.38
CA MET A 227 27.83 0.39 13.09
C MET A 227 28.54 -0.50 12.08
N CYS A 228 29.88 -0.48 12.08
CA CYS A 228 30.64 -1.34 11.19
C CYS A 228 30.42 -2.80 11.52
N LEU A 229 30.46 -3.14 12.82
CA LEU A 229 30.21 -4.50 13.25
C LEU A 229 28.84 -4.98 12.79
N HIS A 230 27.81 -4.14 12.96
CA HIS A 230 26.48 -4.59 12.59
C HIS A 230 26.28 -4.61 11.08
N ALA A 231 26.98 -3.76 10.33
CA ALA A 231 26.94 -3.85 8.88
C ALA A 231 27.52 -5.17 8.40
N ALA A 232 28.70 -5.52 8.90
CA ALA A 232 29.31 -6.79 8.54
C ALA A 232 28.45 -7.97 8.95
N ILE A 233 27.88 -7.93 10.15
CA ILE A 233 27.07 -9.05 10.64
C ILE A 233 25.79 -9.19 9.83
N GLY A 234 25.16 -8.08 9.45
CA GLY A 234 23.98 -8.17 8.61
C GLY A 234 24.25 -8.68 7.22
N SER A 235 25.36 -8.27 6.62
CA SER A 235 25.75 -8.86 5.34
C SER A 235 26.01 -10.36 5.45
N LEU A 236 26.65 -10.80 6.55
CA LEU A 236 26.85 -12.22 6.77
C LEU A 236 25.52 -12.96 6.96
N LEU A 237 24.60 -12.38 7.71
CA LEU A 237 23.30 -13.02 7.91
C LEU A 237 22.51 -13.11 6.61
N GLY A 238 22.68 -12.13 5.72
CA GLY A 238 22.08 -12.26 4.40
C GLY A 238 22.69 -13.38 3.58
N ILE A 239 24.01 -13.54 3.65
CA ILE A 239 24.65 -14.71 3.06
C ILE A 239 24.01 -16.00 3.57
N ALA A 240 23.83 -16.07 4.90
CA ALA A 240 23.28 -17.28 5.50
C ALA A 240 21.87 -17.55 5.04
N ALA A 241 21.02 -16.52 4.97
CA ALA A 241 19.67 -16.70 4.47
C ALA A 241 19.64 -17.12 3.01
N GLY A 242 20.53 -16.56 2.19
CA GLY A 242 20.60 -16.96 0.80
C GLY A 242 21.01 -18.40 0.63
N LEU A 243 21.93 -18.88 1.49
CA LEU A 243 22.26 -20.30 1.44
C LEU A 243 21.11 -21.16 1.93
N SER A 244 20.36 -20.69 2.93
CA SER A 244 19.23 -21.44 3.45
C SER A 244 18.09 -21.56 2.44
N LEU A 245 17.98 -20.64 1.48
CA LEU A 245 16.97 -20.75 0.44
C LEU A 245 17.53 -21.29 -0.88
N SER A 246 18.71 -21.89 -0.86
CA SER A 246 19.33 -22.49 -2.04
C SER A 246 19.42 -21.49 -3.19
N ALA A 247 19.84 -20.27 -2.89
CA ALA A 247 19.96 -19.26 -3.92
C ALA A 247 21.17 -19.56 -4.81
N PRO A 248 21.14 -19.12 -6.06
CA PRO A 248 22.34 -19.21 -6.91
C PRO A 248 23.53 -18.56 -6.23
N PHE A 249 24.66 -19.28 -6.24
CA PHE A 249 25.84 -18.77 -5.54
C PHE A 249 26.30 -17.45 -6.12
N GLU A 250 26.06 -17.22 -7.42
CA GLU A 250 26.53 -15.98 -8.05
C GLU A 250 25.76 -14.78 -7.56
N ASN A 251 24.57 -14.97 -6.98
CA ASN A 251 23.84 -13.85 -6.41
C ASN A 251 24.30 -13.54 -4.99
N ILE A 252 24.79 -14.54 -4.27
CA ILE A 252 25.36 -14.31 -2.95
C ILE A 252 26.75 -13.70 -3.10
N TYR A 253 27.50 -14.13 -4.11
CA TYR A 253 28.83 -13.59 -4.33
C TYR A 253 28.78 -12.15 -4.80
N PHE A 254 27.71 -11.77 -5.49
CA PHE A 254 27.52 -10.42 -5.97
C PHE A 254 27.07 -9.47 -4.87
N GLY A 255 26.72 -9.99 -3.70
CA GLY A 255 26.29 -9.18 -2.59
C GLY A 255 24.84 -8.76 -2.63
N LEU A 256 24.03 -9.37 -3.46
CA LEU A 256 22.62 -9.01 -3.54
C LEU A 256 21.83 -9.53 -2.35
N TRP A 257 22.41 -10.41 -1.55
CA TRP A 257 21.72 -10.99 -0.42
C TRP A 257 22.08 -10.32 0.90
N GLY A 258 23.07 -9.45 0.92
CA GLY A 258 23.53 -8.88 2.17
C GLY A 258 23.32 -7.40 2.37
N PHE A 259 22.88 -6.65 1.35
CA PHE A 259 22.86 -5.20 1.51
C PHE A 259 21.62 -4.73 2.26
N ASN A 260 20.46 -5.32 1.99
CA ASN A 260 19.25 -5.01 2.76
C ASN A 260 19.39 -5.42 4.22
N SER A 261 19.86 -6.63 4.47
CA SER A 261 20.07 -7.07 5.84
C SER A 261 21.21 -6.33 6.53
N SER A 262 22.20 -5.87 5.77
CA SER A 262 23.24 -5.02 6.35
C SER A 262 22.63 -3.72 6.85
N LEU A 263 21.85 -3.04 6.01
CA LEU A 263 21.15 -1.84 6.45
C LEU A 263 20.22 -2.08 7.63
N ALA A 264 19.49 -3.20 7.63
CA ALA A 264 18.57 -3.51 8.72
C ALA A 264 19.29 -3.82 10.03
N CYS A 265 20.43 -4.49 9.97
CA CYS A 265 21.23 -4.70 11.17
C CYS A 265 21.88 -3.41 11.67
N ILE A 266 22.26 -2.51 10.76
CA ILE A 266 22.77 -1.21 11.21
C ILE A 266 21.66 -0.44 11.92
N ALA A 267 20.49 -0.36 11.30
CA ALA A 267 19.39 0.42 11.87
C ALA A 267 18.95 -0.16 13.21
N MET A 268 18.74 -1.46 13.29
CA MET A 268 18.24 -2.04 14.52
C MET A 268 19.31 -2.21 15.58
N GLY A 269 20.56 -2.45 15.19
CA GLY A 269 21.60 -2.70 16.14
C GLY A 269 22.25 -1.45 16.70
N GLY A 270 21.54 -0.77 17.58
CA GLY A 270 22.10 0.34 18.30
C GLY A 270 21.79 1.71 17.74
N MET A 271 21.18 1.79 16.57
CA MET A 271 20.99 3.07 15.89
C MET A 271 19.64 3.67 16.27
N PHE A 272 18.56 3.06 15.80
CA PHE A 272 17.21 3.50 16.13
C PHE A 272 16.61 2.73 17.29
N MET A 273 17.35 1.76 17.82
CA MET A 273 16.99 1.07 19.04
C MET A 273 18.26 1.07 19.89
N ALA A 274 18.15 1.43 21.15
CA ALA A 274 19.34 1.43 22.01
C ALA A 274 19.98 0.05 22.04
N LEU A 275 21.30 0.02 22.19
CA LEU A 275 22.06 -1.21 22.04
C LEU A 275 22.17 -1.90 23.40
N THR A 276 21.41 -2.98 23.55
CA THR A 276 21.56 -3.95 24.62
C THR A 276 21.81 -5.30 23.96
N TRP A 277 22.00 -6.35 24.75
CA TRP A 277 22.16 -7.65 24.10
C TRP A 277 20.85 -8.14 23.50
N GLN A 278 19.72 -7.78 24.13
CA GLN A 278 18.41 -8.10 23.58
C GLN A 278 18.15 -7.40 22.25
N THR A 279 18.51 -6.12 22.12
CA THR A 279 18.35 -5.45 20.84
C THR A 279 19.40 -5.87 19.82
N HIS A 280 20.54 -6.38 20.26
CA HIS A 280 21.49 -7.00 19.33
C HIS A 280 20.91 -8.26 18.72
N LEU A 281 20.33 -9.13 19.55
CA LEU A 281 19.68 -10.32 19.02
C LEU A 281 18.49 -9.97 18.14
N LEU A 282 17.73 -8.94 18.54
CA LEU A 282 16.63 -8.48 17.71
C LEU A 282 17.12 -7.91 16.39
N ALA A 283 18.30 -7.31 16.36
CA ALA A 283 18.87 -6.83 15.10
C ALA A 283 19.33 -7.98 14.22
N LEU A 284 19.83 -9.06 14.81
CA LEU A 284 20.12 -10.26 14.04
C LEU A 284 18.85 -10.85 13.43
N GLY A 285 17.78 -10.92 14.24
CA GLY A 285 16.52 -11.39 13.70
C GLY A 285 15.97 -10.51 12.61
N CYS A 286 16.12 -9.19 12.75
CA CYS A 286 15.69 -8.28 11.71
C CYS A 286 16.52 -8.44 10.44
N ALA A 287 17.82 -8.69 10.59
CA ALA A 287 18.68 -8.92 9.43
C ALA A 287 18.25 -10.17 8.66
N LEU A 288 17.98 -11.26 9.38
CA LEU A 288 17.50 -12.47 8.70
C LEU A 288 16.13 -12.26 8.05
N PHE A 289 15.20 -11.67 8.80
CA PHE A 289 13.89 -11.36 8.25
C PHE A 289 14.00 -10.49 7.00
N THR A 290 14.92 -9.54 7.00
CA THR A 290 15.09 -8.64 5.88
C THR A 290 15.74 -9.30 4.69
N ALA A 291 16.63 -10.26 4.90
CA ALA A 291 17.15 -11.04 3.79
C ALA A 291 16.03 -11.85 3.13
N TYR A 292 15.19 -12.48 3.93
CA TYR A 292 14.10 -13.27 3.38
C TYR A 292 13.05 -12.41 2.70
N LEU A 293 12.70 -11.26 3.29
CA LEU A 293 11.82 -10.32 2.62
C LEU A 293 12.48 -9.74 1.38
N GLY A 294 13.80 -9.66 1.35
CA GLY A 294 14.48 -9.16 0.18
C GLY A 294 14.32 -10.09 -1.00
N VAL A 295 14.52 -11.39 -0.78
CA VAL A 295 14.29 -12.31 -1.89
C VAL A 295 12.80 -12.38 -2.24
N GLY A 296 11.92 -12.26 -1.25
CA GLY A 296 10.50 -12.23 -1.56
C GLY A 296 10.12 -11.07 -2.46
N MET A 297 10.52 -9.86 -2.08
CA MET A 297 10.20 -8.68 -2.86
C MET A 297 10.94 -8.65 -4.19
N ALA A 298 12.14 -9.23 -4.26
CA ALA A 298 12.83 -9.34 -5.53
C ALA A 298 12.07 -10.22 -6.49
N ASN A 299 11.65 -11.40 -6.04
CA ASN A 299 10.87 -12.29 -6.89
C ASN A 299 9.53 -11.66 -7.27
N PHE A 300 8.90 -10.93 -6.34
CA PHE A 300 7.59 -10.39 -6.60
C PHE A 300 7.65 -9.20 -7.54
N MET A 301 8.63 -8.32 -7.37
CA MET A 301 8.76 -7.13 -8.20
C MET A 301 9.44 -7.42 -9.53
N ALA A 302 10.11 -8.56 -9.65
CA ALA A 302 10.58 -8.98 -10.96
C ALA A 302 9.43 -9.26 -11.91
N GLU A 303 8.25 -9.56 -11.36
CA GLU A 303 7.09 -9.85 -12.19
C GLU A 303 6.55 -8.60 -12.86
N VAL A 304 6.69 -7.44 -12.22
CA VAL A 304 6.31 -6.16 -12.80
C VAL A 304 7.50 -5.45 -13.42
N GLY A 305 8.61 -6.15 -13.65
CA GLY A 305 9.76 -5.59 -14.33
C GLY A 305 10.61 -4.65 -13.50
N LEU A 306 10.56 -4.76 -12.18
CA LEU A 306 11.22 -3.80 -11.31
C LEU A 306 12.19 -4.50 -10.37
N PRO A 307 13.24 -3.80 -9.93
CA PRO A 307 14.09 -4.34 -8.88
C PRO A 307 13.54 -4.01 -7.50
N ALA A 308 13.83 -4.87 -6.53
CA ALA A 308 13.36 -4.65 -5.17
C ALA A 308 14.10 -3.49 -4.52
N CYS A 309 15.38 -3.37 -4.85
CA CYS A 309 16.22 -2.29 -4.26
C CYS A 309 16.26 -2.45 -2.74
N THR A 310 15.97 -1.38 -2.00
CA THR A 310 15.98 -1.44 -0.54
C THR A 310 14.59 -1.30 0.06
N TRP A 311 13.54 -1.57 -0.71
CA TRP A 311 12.18 -1.73 -0.21
C TRP A 311 12.14 -2.72 0.94
N PRO A 312 12.82 -3.88 0.85
CA PRO A 312 12.83 -4.81 1.98
C PRO A 312 13.38 -4.22 3.27
N PHE A 313 14.52 -3.52 3.20
CA PHE A 313 15.08 -2.91 4.39
C PHE A 313 14.09 -1.93 5.02
N CYS A 314 13.51 -1.05 4.22
CA CYS A 314 12.58 -0.05 4.76
C CYS A 314 11.38 -0.72 5.41
N LEU A 315 10.74 -1.64 4.70
CA LEU A 315 9.51 -2.26 5.22
C LEU A 315 9.80 -3.10 6.45
N ALA A 316 10.86 -3.91 6.42
CA ALA A 316 11.16 -4.78 7.55
C ALA A 316 11.60 -3.99 8.78
N THR A 317 12.38 -2.93 8.58
CA THR A 317 12.85 -2.15 9.71
C THR A 317 11.73 -1.31 10.30
N LEU A 318 10.84 -0.78 9.46
CA LEU A 318 9.66 -0.11 9.99
C LEU A 318 8.78 -1.09 10.75
N LEU A 319 8.65 -2.33 10.27
CA LEU A 319 7.89 -3.33 10.98
C LEU A 319 8.49 -3.63 12.35
N PHE A 320 9.81 -3.77 12.42
CA PHE A 320 10.45 -4.08 13.69
C PHE A 320 10.51 -2.89 14.63
N LEU A 321 10.39 -1.67 14.11
CA LEU A 321 10.35 -0.49 14.96
C LEU A 321 8.94 -0.19 15.46
N ILE A 322 7.92 -0.52 14.67
CA ILE A 322 6.54 -0.34 15.10
C ILE A 322 6.16 -1.41 16.11
N MET A 323 6.80 -2.57 16.07
CA MET A 323 6.57 -3.61 17.04
C MET A 323 6.81 -3.12 18.45
N THR A 324 5.92 -3.49 19.37
CA THR A 324 6.05 -3.12 20.78
C THR A 324 6.23 -4.38 21.62
N THR A 325 7.06 -4.26 22.65
CA THR A 325 7.22 -5.29 23.66
C THR A 325 7.04 -4.65 25.03
N LYS A 326 6.89 -5.50 26.05
CA LYS A 326 6.94 -5.04 27.42
C LYS A 326 8.29 -5.25 28.06
N ASN A 327 9.30 -5.58 27.26
CA ASN A 327 10.67 -5.66 27.71
C ASN A 327 11.23 -4.25 27.82
N SER A 328 11.76 -3.90 28.99
CA SER A 328 12.31 -2.57 29.19
C SER A 328 13.67 -2.42 28.54
N ASN A 329 14.40 -3.51 28.34
CA ASN A 329 15.72 -3.50 27.72
C ASN A 329 15.64 -3.57 26.21
N ILE A 330 14.44 -3.58 25.63
CA ILE A 330 14.26 -3.44 24.19
C ILE A 330 13.65 -2.04 24.02
N TYR A 331 14.53 -1.06 23.85
CA TYR A 331 14.18 0.35 23.93
C TYR A 331 14.34 1.03 22.59
N LYS A 332 13.29 1.68 22.13
CA LYS A 332 13.32 2.41 20.86
C LYS A 332 13.77 3.84 21.12
N MET A 333 14.80 4.27 20.42
CA MET A 333 15.37 5.58 20.64
C MET A 333 14.41 6.67 20.14
N PRO A 334 14.26 7.76 20.88
CA PRO A 334 13.58 8.93 20.32
C PRO A 334 14.35 9.49 19.13
N LEU A 335 13.62 9.83 18.07
CA LEU A 335 14.28 10.27 16.85
C LEU A 335 15.08 11.54 17.06
N SER A 336 14.72 12.35 18.05
CA SER A 336 15.47 13.57 18.29
C SER A 336 16.82 13.31 18.95
N LYS A 337 17.02 12.11 19.50
CA LYS A 337 18.24 11.78 20.24
C LYS A 337 19.06 10.71 19.55
N VAL A 338 18.80 10.44 18.28
CA VAL A 338 19.45 9.40 17.52
C VAL A 338 20.67 10.01 16.85
N THR A 339 21.87 9.68 17.35
CA THR A 339 23.12 10.14 16.76
C THR A 339 23.91 8.95 16.20
N TYR A 340 24.50 8.14 17.06
CA TYR A 340 25.21 6.94 16.64
C TYR A 340 25.34 6.01 17.86
N PRO A 341 25.46 4.70 17.64
CA PRO A 341 25.17 3.73 18.71
C PRO A 341 25.86 3.98 20.03
N GLU A 342 27.05 4.56 20.05
CA GLU A 342 27.73 4.82 21.32
C GLU A 342 27.00 5.88 22.13
N GLU A 343 26.75 7.05 21.51
CA GLU A 343 25.99 8.08 22.20
C GLU A 343 24.56 7.64 22.48
N ASN A 344 23.96 6.86 21.57
CA ASN A 344 22.63 6.34 21.83
C ASN A 344 22.61 5.47 23.08
N ARG A 345 23.63 4.64 23.27
CA ARG A 345 23.67 3.79 24.45
C ARG A 345 23.91 4.60 25.71
N ILE A 346 24.75 5.63 25.64
CA ILE A 346 24.93 6.50 26.81
C ILE A 346 23.61 7.17 27.18
N PHE A 347 22.89 7.69 26.19
CA PHE A 347 21.59 8.31 26.44
C PHE A 347 20.61 7.32 27.05
N TYR A 348 20.57 6.09 26.52
CA TYR A 348 19.65 5.09 27.04
C TYR A 348 19.99 4.70 28.46
N LEU A 349 21.29 4.58 28.79
CA LEU A 349 21.68 4.24 30.15
C LEU A 349 21.26 5.33 31.13
N GLN A 350 21.46 6.60 30.74
CA GLN A 350 21.04 7.68 31.61
C GLN A 350 19.53 7.71 31.79
N ALA A 351 18.77 7.49 30.70
CA ALA A 351 17.32 7.45 30.81
C ALA A 351 16.85 6.26 31.64
N LYS A 352 17.57 5.14 31.59
CA LYS A 352 17.20 3.97 32.36
C LYS A 352 17.50 4.18 33.84
N LYS A 353 18.56 4.92 34.15
CA LYS A 353 18.78 5.35 35.53
C LYS A 353 17.67 6.28 35.99
N ARG A 354 17.23 7.18 35.10
CA ARG A 354 16.13 8.08 35.45
C ARG A 354 14.81 7.32 35.61
N MET A 355 14.68 6.16 34.97
CA MET A 355 13.45 5.39 35.08
C MET A 355 13.34 4.72 36.44
N VAL A 356 14.46 4.22 36.97
CA VAL A 356 14.47 3.59 38.28
C VAL A 356 14.39 4.63 39.38
N PHE B 2 -27.93 40.69 -18.24
CA PHE B 2 -27.04 39.57 -18.52
C PHE B 2 -25.96 39.34 -17.45
N PRO B 3 -25.28 40.40 -16.98
CA PRO B 3 -24.28 40.19 -15.91
C PRO B 3 -24.85 39.57 -14.65
N LYS B 4 -26.11 39.88 -14.32
CA LYS B 4 -26.73 39.26 -13.15
C LYS B 4 -26.84 37.76 -13.33
N ALA B 5 -27.34 37.31 -14.47
CA ALA B 5 -27.43 35.87 -14.73
C ALA B 5 -26.05 35.23 -14.71
N LEU B 6 -25.05 35.90 -15.28
CA LEU B 6 -23.69 35.35 -15.28
C LEU B 6 -23.18 35.16 -13.86
N GLY B 7 -23.31 36.19 -13.02
CA GLY B 7 -22.92 36.04 -11.64
C GLY B 7 -23.74 34.99 -10.91
N TYR B 8 -24.95 34.72 -11.39
CA TYR B 8 -25.78 33.70 -10.77
C TYR B 8 -25.33 32.29 -11.12
N VAL B 9 -24.80 32.09 -12.33
CA VAL B 9 -24.44 30.76 -12.80
C VAL B 9 -22.95 30.45 -12.67
N THR B 10 -22.17 31.33 -12.05
CA THR B 10 -20.74 31.13 -11.91
C THR B 10 -20.38 30.65 -10.51
N GLY B 11 -19.14 30.19 -10.38
CA GLY B 11 -18.65 29.79 -9.07
C GLY B 11 -19.22 28.46 -8.63
N ASP B 12 -19.83 28.45 -7.45
CA ASP B 12 -20.49 27.28 -6.91
C ASP B 12 -22.00 27.35 -6.97
N MET B 13 -22.55 28.51 -7.35
CA MET B 13 -24.00 28.72 -7.39
C MET B 13 -24.63 28.52 -6.00
N LYS B 14 -24.22 29.37 -5.07
CA LYS B 14 -24.70 29.26 -3.69
C LYS B 14 -26.15 29.71 -3.57
N GLU B 15 -26.53 30.74 -4.32
CA GLU B 15 -27.90 31.25 -4.25
C GLU B 15 -28.90 30.17 -4.66
N LEU B 16 -28.62 29.48 -5.76
CA LEU B 16 -29.48 28.37 -6.17
C LEU B 16 -29.44 27.25 -5.15
N ALA B 17 -28.30 27.02 -4.50
CA ALA B 17 -28.22 25.97 -3.48
C ALA B 17 -29.19 26.25 -2.34
N ASN B 18 -29.25 27.50 -1.87
CA ASN B 18 -30.22 27.84 -0.84
C ASN B 18 -31.65 27.76 -1.35
N GLN B 19 -31.91 28.39 -2.50
CA GLN B 19 -33.25 28.38 -3.05
C GLN B 19 -33.78 26.96 -3.22
N LEU B 20 -32.90 26.01 -3.54
CA LEU B 20 -33.31 24.62 -3.66
C LEU B 20 -33.42 23.93 -2.31
N LYS B 21 -32.58 24.32 -1.34
CA LYS B 21 -32.80 23.87 0.03
C LYS B 21 -34.22 24.14 0.48
N ASP B 22 -34.83 25.20 -0.05
CA ASP B 22 -36.26 25.40 0.23
C ASP B 22 -37.16 24.51 -0.62
N LYS B 23 -36.72 24.11 -1.82
CA LYS B 23 -37.58 23.45 -2.80
C LYS B 23 -37.77 21.98 -2.47
N PRO B 24 -38.69 21.28 -3.17
CA PRO B 24 -38.88 19.85 -2.93
C PRO B 24 -37.61 19.04 -3.16
N VAL B 25 -37.62 17.80 -2.65
CA VAL B 25 -36.41 17.02 -2.59
C VAL B 25 -36.04 16.40 -3.93
N VAL B 26 -36.97 16.36 -4.90
CA VAL B 26 -36.63 15.82 -6.20
C VAL B 26 -35.77 16.81 -6.97
N LEU B 27 -36.13 18.10 -6.93
CA LEU B 27 -35.28 19.12 -7.53
C LEU B 27 -33.91 19.16 -6.87
N GLN B 28 -33.88 19.03 -5.55
CA GLN B 28 -32.61 18.98 -4.84
C GLN B 28 -31.79 17.78 -5.28
N PHE B 29 -32.44 16.64 -5.51
CA PHE B 29 -31.70 15.47 -5.94
C PHE B 29 -31.12 15.68 -7.33
N ILE B 30 -31.89 16.29 -8.23
CA ILE B 30 -31.36 16.61 -9.57
C ILE B 30 -30.15 17.52 -9.44
N ASP B 31 -30.24 18.52 -8.55
CA ASP B 31 -29.12 19.42 -8.30
C ASP B 31 -27.89 18.66 -7.81
N TRP B 32 -28.09 17.71 -6.90
CA TRP B 32 -26.96 16.96 -6.37
C TRP B 32 -26.35 16.07 -7.43
N ILE B 33 -27.17 15.54 -8.33
CA ILE B 33 -26.66 14.72 -9.42
C ILE B 33 -25.79 15.57 -10.35
N LEU B 34 -26.26 16.77 -10.70
CA LEU B 34 -25.49 17.62 -11.60
C LEU B 34 -24.19 18.09 -10.94
N ARG B 35 -24.25 18.44 -9.65
CA ARG B 35 -23.04 18.80 -8.94
C ARG B 35 -22.10 17.61 -8.81
N GLY B 36 -22.61 16.39 -8.69
CA GLY B 36 -21.75 15.24 -8.66
C GLY B 36 -21.11 14.95 -10.00
N ILE B 37 -21.81 15.23 -11.09
CA ILE B 37 -21.21 15.12 -12.41
C ILE B 37 -20.07 16.11 -12.56
N SER B 38 -20.30 17.37 -12.18
CA SER B 38 -19.27 18.38 -12.33
C SER B 38 -18.13 18.25 -11.33
N GLN B 39 -18.36 17.61 -10.19
CA GLN B 39 -17.31 17.48 -9.18
C GLN B 39 -16.16 16.60 -9.62
N VAL B 40 -16.21 16.00 -10.81
CA VAL B 40 -15.06 15.23 -11.28
C VAL B 40 -13.89 16.15 -11.59
N VAL B 41 -14.17 17.40 -11.98
CA VAL B 41 -13.13 18.37 -12.26
C VAL B 41 -13.11 19.43 -11.16
N PHE B 42 -13.41 19.01 -9.93
CA PHE B 42 -13.42 19.84 -8.73
C PHE B 42 -14.46 20.96 -8.79
N VAL B 43 -15.42 20.89 -9.68
CA VAL B 43 -16.36 21.98 -9.90
C VAL B 43 -17.68 21.62 -9.22
N ASN B 44 -18.13 22.48 -8.31
CA ASN B 44 -19.40 22.28 -7.60
C ASN B 44 -20.45 23.24 -8.17
N ASN B 45 -20.87 22.93 -9.40
CA ASN B 45 -21.72 23.79 -10.17
C ASN B 45 -22.66 22.87 -10.93
N PRO B 46 -23.97 23.06 -10.84
CA PRO B 46 -24.90 22.20 -11.59
C PRO B 46 -24.97 22.55 -13.07
N VAL B 47 -24.77 23.81 -13.45
CA VAL B 47 -24.78 24.17 -14.86
C VAL B 47 -23.51 23.67 -15.54
N SER B 48 -22.38 23.70 -14.83
CA SER B 48 -21.19 23.02 -15.32
C SER B 48 -21.45 21.52 -15.47
N GLY B 49 -22.25 20.93 -14.58
CA GLY B 49 -22.60 19.54 -14.72
C GLY B 49 -23.46 19.26 -15.94
N ILE B 50 -24.36 20.18 -16.25
CA ILE B 50 -25.15 20.05 -17.47
C ILE B 50 -24.26 20.15 -18.70
N LEU B 51 -23.31 21.08 -18.69
CA LEU B 51 -22.40 21.21 -19.83
C LEU B 51 -21.51 19.99 -19.98
N ILE B 52 -21.03 19.43 -18.87
CA ILE B 52 -20.23 18.22 -18.93
C ILE B 52 -21.05 17.04 -19.41
N LEU B 53 -22.33 17.00 -19.05
CA LEU B 53 -23.21 15.94 -19.55
C LEU B 53 -23.44 16.09 -21.04
N VAL B 54 -23.57 17.33 -21.53
CA VAL B 54 -23.69 17.54 -22.97
C VAL B 54 -22.41 17.12 -23.68
N GLY B 55 -21.26 17.36 -23.07
CA GLY B 55 -20.01 16.91 -23.66
C GLY B 55 -19.91 15.40 -23.71
N LEU B 56 -20.37 14.74 -22.65
CA LEU B 56 -20.40 13.27 -22.64
C LEU B 56 -21.34 12.72 -23.69
N LEU B 57 -22.48 13.38 -23.91
CA LEU B 57 -23.38 12.96 -24.98
C LEU B 57 -22.77 13.20 -26.35
N VAL B 58 -21.96 14.25 -26.49
CA VAL B 58 -21.27 14.47 -27.76
C VAL B 58 -20.25 13.37 -28.01
N GLN B 59 -19.53 12.96 -26.97
CA GLN B 59 -18.61 11.83 -27.09
C GLN B 59 -19.36 10.55 -27.43
N ASN B 60 -20.19 10.08 -26.52
CA ASN B 60 -20.86 8.79 -26.61
C ASN B 60 -22.07 8.80 -25.69
N PRO B 61 -23.29 8.74 -26.22
CA PRO B 61 -24.47 8.73 -25.34
C PRO B 61 -24.53 7.53 -24.41
N TRP B 62 -23.94 6.39 -24.79
CA TRP B 62 -23.91 5.24 -23.90
C TRP B 62 -23.07 5.52 -22.66
N TRP B 63 -21.95 6.23 -22.84
CA TRP B 63 -21.11 6.58 -21.69
C TRP B 63 -21.80 7.60 -20.80
N ALA B 64 -22.53 8.54 -21.40
CA ALA B 64 -23.31 9.48 -20.60
C ALA B 64 -24.38 8.75 -19.80
N LEU B 65 -25.06 7.78 -20.41
CA LEU B 65 -26.08 7.04 -19.69
C LEU B 65 -25.49 6.26 -18.52
N THR B 66 -24.41 5.52 -18.76
CA THR B 66 -23.82 4.74 -17.68
C THR B 66 -23.25 5.63 -16.58
N GLY B 67 -22.66 6.78 -16.94
CA GLY B 67 -22.11 7.65 -15.92
C GLY B 67 -23.16 8.37 -15.11
N TRP B 68 -24.23 8.81 -15.76
CA TRP B 68 -25.34 9.42 -15.04
C TRP B 68 -26.02 8.42 -14.13
N LEU B 69 -26.15 7.17 -14.57
CA LEU B 69 -26.74 6.15 -13.72
C LEU B 69 -25.83 5.83 -12.53
N GLY B 70 -24.52 5.83 -12.75
CA GLY B 70 -23.60 5.70 -11.63
C GLY B 70 -23.78 6.80 -10.62
N THR B 71 -23.86 8.04 -11.08
CA THR B 71 -24.08 9.18 -10.17
C THR B 71 -25.37 9.01 -9.39
N VAL B 72 -26.45 8.64 -10.07
CA VAL B 72 -27.75 8.50 -9.40
C VAL B 72 -27.69 7.41 -8.35
N VAL B 73 -27.15 6.25 -8.71
CA VAL B 73 -27.10 5.12 -7.78
C VAL B 73 -26.23 5.44 -6.58
N SER B 74 -25.13 6.17 -6.80
CA SER B 74 -24.24 6.49 -5.69
C SER B 74 -24.85 7.54 -4.77
N THR B 75 -25.54 8.54 -5.31
CA THR B 75 -26.19 9.51 -4.45
C THR B 75 -27.32 8.87 -3.65
N LEU B 76 -28.08 7.98 -4.27
CA LEU B 76 -29.14 7.28 -3.53
C LEU B 76 -28.55 6.37 -2.46
N MET B 77 -27.43 5.71 -2.76
CA MET B 77 -26.78 4.85 -1.79
C MET B 77 -26.22 5.65 -0.63
N ALA B 78 -25.68 6.83 -0.90
CA ALA B 78 -25.20 7.70 0.17
C ALA B 78 -26.35 8.21 1.02
N LEU B 79 -27.50 8.46 0.40
CA LEU B 79 -28.68 8.81 1.19
C LEU B 79 -29.11 7.66 2.07
N LEU B 80 -29.04 6.44 1.55
CA LEU B 80 -29.45 5.27 2.32
C LEU B 80 -28.49 4.97 3.47
N LEU B 81 -27.21 5.23 3.29
CA LEU B 81 -26.21 4.98 4.30
C LEU B 81 -26.07 6.12 5.29
N SER B 82 -26.99 7.09 5.28
CA SER B 82 -27.02 8.19 6.22
C SER B 82 -25.68 8.92 6.27
N GLN B 83 -25.22 9.35 5.09
CA GLN B 83 -24.01 10.14 5.01
C GLN B 83 -24.34 11.62 5.24
N ASP B 84 -23.30 12.42 5.43
CA ASP B 84 -23.49 13.86 5.64
C ASP B 84 -24.26 14.43 4.47
N ARG B 85 -25.34 15.14 4.77
CA ARG B 85 -26.19 15.72 3.74
C ARG B 85 -25.48 16.89 3.07
N SER B 86 -24.59 17.56 3.79
CA SER B 86 -23.84 18.66 3.21
C SER B 86 -22.84 18.17 2.18
N LEU B 87 -22.30 16.96 2.38
CA LEU B 87 -21.43 16.38 1.38
C LEU B 87 -22.22 15.81 0.21
N ILE B 88 -23.42 15.30 0.48
CA ILE B 88 -24.25 14.75 -0.58
C ILE B 88 -24.77 15.89 -1.47
N ALA B 89 -25.04 17.05 -0.88
CA ALA B 89 -25.65 18.14 -1.63
C ALA B 89 -24.62 18.94 -2.42
N SER B 90 -23.34 18.82 -2.09
CA SER B 90 -22.28 19.37 -2.91
C SER B 90 -21.76 18.38 -3.94
N GLY B 91 -22.47 17.29 -4.16
CA GLY B 91 -22.08 16.30 -5.15
C GLY B 91 -20.87 15.49 -4.82
N LEU B 92 -20.43 15.48 -3.57
CA LEU B 92 -19.22 14.77 -3.20
C LEU B 92 -19.45 13.29 -2.95
N TYR B 93 -20.65 12.78 -3.22
CA TYR B 93 -20.94 11.36 -3.16
C TYR B 93 -21.39 10.80 -4.49
N GLY B 94 -21.16 11.53 -5.57
CA GLY B 94 -21.62 11.09 -6.86
C GLY B 94 -20.60 11.16 -7.98
N TYR B 95 -19.45 11.77 -7.74
CA TYR B 95 -18.49 11.97 -8.83
C TYR B 95 -17.63 10.74 -9.05
N ASN B 96 -17.26 10.04 -7.99
CA ASN B 96 -16.51 8.80 -8.15
C ASN B 96 -17.33 7.76 -8.89
N ALA B 97 -18.64 7.77 -8.70
CA ALA B 97 -19.48 6.84 -9.43
C ALA B 97 -19.82 7.32 -10.82
N THR B 98 -19.85 8.64 -11.05
CA THR B 98 -19.87 9.14 -12.41
C THR B 98 -18.68 8.59 -13.19
N LEU B 99 -17.51 8.64 -12.59
CA LEU B 99 -16.32 8.07 -13.23
C LEU B 99 -16.43 6.56 -13.37
N VAL B 100 -16.89 5.86 -12.34
CA VAL B 100 -17.05 4.41 -12.41
C VAL B 100 -17.97 4.05 -13.57
N GLY B 101 -19.10 4.75 -13.71
CA GLY B 101 -20.04 4.41 -14.76
C GLY B 101 -19.53 4.74 -16.15
N VAL B 102 -18.81 5.85 -16.29
CA VAL B 102 -18.28 6.18 -17.60
C VAL B 102 -17.18 5.20 -18.01
N LEU B 103 -16.29 4.84 -17.10
CA LEU B 103 -15.12 4.07 -17.46
C LEU B 103 -15.31 2.57 -17.31
N MET B 104 -16.45 2.12 -16.80
CA MET B 104 -16.82 0.73 -16.99
C MET B 104 -17.31 0.46 -18.40
N ALA B 105 -17.90 1.46 -19.05
CA ALA B 105 -18.28 1.40 -20.45
C ALA B 105 -17.13 1.69 -21.38
N VAL B 106 -16.22 2.59 -20.98
CA VAL B 106 -15.01 2.81 -21.78
C VAL B 106 -14.17 1.54 -21.84
N PHE B 107 -13.94 0.89 -20.70
CA PHE B 107 -13.09 -0.28 -20.61
C PHE B 107 -13.86 -1.58 -20.81
N SER B 108 -14.96 -1.54 -21.53
CA SER B 108 -15.78 -2.71 -21.76
C SER B 108 -15.51 -3.27 -23.15
N ASP B 109 -15.47 -4.59 -23.23
CA ASP B 109 -15.20 -5.29 -24.49
C ASP B 109 -16.46 -5.72 -25.21
N LYS B 110 -17.63 -5.25 -24.80
CA LYS B 110 -18.87 -5.68 -25.40
C LYS B 110 -19.55 -4.60 -26.23
N GLY B 111 -18.91 -3.45 -26.42
CA GLY B 111 -19.42 -2.43 -27.29
C GLY B 111 -20.48 -1.56 -26.66
N ASP B 112 -21.01 -0.66 -27.47
CA ASP B 112 -21.98 0.31 -26.99
C ASP B 112 -23.33 -0.34 -26.75
N TYR B 113 -24.03 0.18 -25.74
CA TYR B 113 -25.37 -0.28 -25.40
C TYR B 113 -25.39 -1.77 -25.11
N PHE B 114 -24.41 -2.21 -24.35
CA PHE B 114 -24.39 -3.56 -23.76
C PHE B 114 -25.18 -3.47 -22.47
N TRP B 115 -26.49 -3.67 -22.58
CA TRP B 115 -27.39 -3.32 -21.49
C TRP B 115 -27.09 -4.07 -20.21
N TRP B 116 -26.58 -5.30 -20.31
CA TRP B 116 -26.21 -6.05 -19.11
C TRP B 116 -25.17 -5.31 -18.27
N LEU B 117 -24.35 -4.46 -18.89
CA LEU B 117 -23.37 -3.69 -18.16
C LEU B 117 -24.01 -2.79 -17.11
N LEU B 118 -25.29 -2.50 -17.23
CA LEU B 118 -25.95 -1.67 -16.23
C LEU B 118 -26.03 -2.39 -14.88
N LEU B 119 -25.85 -3.71 -14.86
CA LEU B 119 -25.90 -4.42 -13.58
C LEU B 119 -24.61 -4.26 -12.78
N PRO B 120 -23.42 -4.48 -13.34
CA PRO B 120 -22.23 -4.17 -12.55
C PRO B 120 -22.04 -2.69 -12.28
N VAL B 121 -22.37 -1.81 -13.24
CA VAL B 121 -22.35 -0.37 -12.98
C VAL B 121 -23.03 -0.06 -11.66
N CYS B 122 -24.35 -0.32 -11.57
CA CYS B 122 -25.06 -0.14 -10.32
C CYS B 122 -24.30 -0.74 -9.14
N ALA B 123 -23.85 -1.99 -9.28
CA ALA B 123 -23.16 -2.65 -8.19
C ALA B 123 -21.97 -1.83 -7.74
N MET B 124 -21.09 -1.46 -8.68
CA MET B 124 -19.91 -0.72 -8.27
C MET B 124 -20.28 0.68 -7.84
N SER B 125 -21.38 1.21 -8.36
CA SER B 125 -21.81 2.54 -7.93
C SER B 125 -22.36 2.50 -6.51
N MET B 126 -22.70 1.32 -6.00
CA MET B 126 -23.07 1.23 -4.60
C MET B 126 -21.85 1.06 -3.71
N THR B 127 -20.69 0.75 -4.29
CA THR B 127 -19.49 0.63 -3.48
C THR B 127 -18.79 1.97 -3.33
N CYS B 128 -19.09 2.93 -4.18
CA CYS B 128 -18.37 4.20 -4.15
C CYS B 128 -18.68 5.07 -2.94
N PRO B 129 -19.92 5.11 -2.41
CA PRO B 129 -20.10 5.79 -1.12
C PRO B 129 -19.31 5.16 0.01
N ILE B 130 -19.36 3.83 0.14
CA ILE B 130 -18.58 3.15 1.16
C ILE B 130 -17.12 3.52 1.06
N PHE B 131 -16.49 3.26 -0.08
CA PHE B 131 -15.14 3.77 -0.34
C PHE B 131 -15.03 5.22 0.08
N SER B 132 -15.89 6.07 -0.49
CA SER B 132 -15.80 7.51 -0.23
C SER B 132 -15.88 7.79 1.27
N SER B 133 -16.74 7.04 1.97
CA SER B 133 -16.86 7.26 3.40
C SER B 133 -15.59 6.81 4.11
N ALA B 134 -15.15 5.57 3.85
CA ALA B 134 -14.02 5.02 4.58
C ALA B 134 -12.79 5.90 4.43
N LEU B 135 -12.40 6.16 3.18
CA LEU B 135 -11.26 7.03 2.94
C LEU B 135 -11.46 8.41 3.55
N ASN B 136 -12.67 8.96 3.46
CA ASN B 136 -12.88 10.30 3.99
C ASN B 136 -12.70 10.31 5.50
N SER B 137 -12.88 9.17 6.15
CA SER B 137 -12.46 9.06 7.54
C SER B 137 -10.95 9.19 7.61
N VAL B 138 -10.24 8.23 7.03
CA VAL B 138 -8.80 8.16 7.13
C VAL B 138 -8.17 9.50 6.78
N LEU B 139 -8.50 10.02 5.61
CA LEU B 139 -7.82 11.20 5.10
C LEU B 139 -8.28 12.49 5.75
N SER B 140 -9.40 12.51 6.45
CA SER B 140 -9.79 13.77 7.07
C SER B 140 -9.24 13.93 8.47
N LYS B 141 -8.79 12.85 9.08
CA LYS B 141 -7.95 12.95 10.27
C LYS B 141 -6.82 13.95 10.07
N TRP B 142 -6.23 13.96 8.88
CA TRP B 142 -5.06 14.78 8.58
C TRP B 142 -5.36 15.82 7.51
N ASP B 143 -6.64 16.16 7.35
CA ASP B 143 -7.10 17.29 6.54
C ASP B 143 -6.66 17.14 5.09
N LEU B 144 -6.88 15.95 4.55
CA LEU B 144 -6.47 15.66 3.18
C LEU B 144 -7.69 15.32 2.34
N PRO B 145 -7.72 15.74 1.08
CA PRO B 145 -8.83 15.39 0.22
C PRO B 145 -8.78 13.94 -0.24
N VAL B 146 -9.96 13.40 -0.54
CA VAL B 146 -10.08 12.01 -0.94
C VAL B 146 -9.69 11.84 -2.40
N PHE B 147 -9.99 12.83 -3.23
CA PHE B 147 -9.67 12.85 -4.67
C PHE B 147 -10.51 11.77 -5.32
N THR B 148 -9.99 11.03 -6.29
CA THR B 148 -10.72 9.98 -6.97
C THR B 148 -10.18 8.61 -6.58
N LEU B 149 -9.79 8.47 -5.32
CA LEU B 149 -9.37 7.18 -4.78
C LEU B 149 -10.52 6.19 -4.68
N PRO B 150 -11.75 6.63 -4.34
CA PRO B 150 -12.86 5.68 -4.38
C PRO B 150 -13.11 5.12 -5.76
N PHE B 151 -13.12 5.98 -6.78
CA PHE B 151 -13.27 5.52 -8.16
C PHE B 151 -12.15 4.58 -8.54
N ASN B 152 -10.92 4.89 -8.13
CA ASN B 152 -9.78 4.09 -8.55
C ASN B 152 -9.81 2.71 -7.90
N MET B 153 -10.14 2.65 -6.61
CA MET B 153 -10.27 1.38 -5.94
C MET B 153 -11.42 0.56 -6.50
N ALA B 154 -12.57 1.19 -6.74
CA ALA B 154 -13.71 0.47 -7.31
C ALA B 154 -13.39 -0.06 -8.71
N LEU B 155 -12.75 0.74 -9.56
CA LEU B 155 -12.49 0.29 -10.92
C LEU B 155 -11.38 -0.74 -10.96
N SER B 156 -10.34 -0.58 -10.15
CA SER B 156 -9.32 -1.62 -10.07
C SER B 156 -9.91 -2.93 -9.61
N MET B 157 -10.77 -2.88 -8.59
CA MET B 157 -11.42 -4.08 -8.09
C MET B 157 -12.29 -4.72 -9.17
N TYR B 158 -13.07 -3.92 -9.90
CA TYR B 158 -13.96 -4.46 -10.92
C TYR B 158 -13.18 -5.04 -12.10
N LEU B 159 -12.20 -4.31 -12.61
CA LEU B 159 -11.46 -4.76 -13.78
C LEU B 159 -10.54 -5.93 -13.45
N SER B 160 -10.16 -6.09 -12.18
CA SER B 160 -9.51 -7.32 -11.76
C SER B 160 -10.49 -8.47 -11.65
N ALA B 161 -11.66 -8.22 -11.07
CA ALA B 161 -12.64 -9.29 -10.88
C ALA B 161 -13.11 -9.86 -12.20
N THR B 162 -13.31 -9.02 -13.20
CA THR B 162 -13.81 -9.49 -14.49
C THR B 162 -12.64 -9.87 -15.40
N GLY B 163 -11.85 -8.90 -15.78
CA GLY B 163 -10.74 -9.17 -16.68
C GLY B 163 -11.20 -9.33 -18.11
N HIS B 164 -10.24 -9.66 -18.97
CA HIS B 164 -10.53 -9.81 -20.39
C HIS B 164 -11.28 -11.08 -20.71
N TYR B 165 -11.20 -12.10 -19.86
CA TYR B 165 -11.70 -13.43 -20.18
C TYR B 165 -12.95 -13.78 -19.39
N ASN B 166 -13.65 -12.80 -18.85
CA ASN B 166 -14.90 -13.06 -18.17
C ASN B 166 -15.97 -13.41 -19.21
N PRO B 167 -16.72 -14.50 -19.03
CA PRO B 167 -17.75 -14.84 -20.00
C PRO B 167 -18.90 -13.86 -20.03
N PHE B 168 -19.14 -13.11 -18.94
CA PHE B 168 -20.26 -12.20 -18.84
C PHE B 168 -19.88 -10.77 -19.22
N PHE B 169 -18.95 -10.17 -18.47
CA PHE B 169 -18.53 -8.79 -18.67
C PHE B 169 -17.04 -8.77 -18.92
N PRO B 170 -16.60 -9.03 -20.16
CA PRO B 170 -15.18 -8.96 -20.47
C PRO B 170 -14.70 -7.52 -20.58
N ALA B 171 -13.49 -7.28 -20.12
CA ALA B 171 -12.90 -5.96 -20.17
C ALA B 171 -11.94 -5.86 -21.36
N LYS B 172 -11.46 -4.64 -21.60
CA LYS B 172 -10.45 -4.45 -22.63
C LYS B 172 -9.15 -5.11 -22.20
N LEU B 173 -8.37 -5.53 -23.18
CA LEU B 173 -7.08 -6.15 -22.91
C LEU B 173 -6.04 -5.06 -22.70
N VAL B 174 -5.46 -5.01 -21.51
CA VAL B 174 -4.35 -4.11 -21.20
C VAL B 174 -3.06 -4.87 -21.44
N ILE B 175 -2.34 -4.49 -22.48
CA ILE B 175 -1.13 -5.18 -22.91
C ILE B 175 0.08 -4.42 -22.40
N PRO B 176 1.05 -5.07 -21.78
CA PRO B 176 2.33 -4.41 -21.52
C PRO B 176 3.13 -4.22 -22.80
N ILE B 177 4.00 -3.22 -22.78
CA ILE B 177 4.93 -3.02 -23.88
C ILE B 177 6.03 -4.07 -23.78
N THR B 178 6.39 -4.67 -24.92
CA THR B 178 7.44 -5.66 -24.97
C THR B 178 8.37 -5.44 -26.16
N THR B 179 8.32 -4.27 -26.79
CA THR B 179 9.25 -3.91 -27.84
C THR B 179 9.34 -2.40 -27.88
N ALA B 180 10.47 -1.91 -28.34
CA ALA B 180 10.68 -0.47 -28.37
C ALA B 180 9.84 0.15 -29.47
N PRO B 181 9.14 1.25 -29.19
CA PRO B 181 8.35 1.91 -30.25
C PRO B 181 9.24 2.64 -31.22
N GLN B 182 8.84 2.64 -32.49
CA GLN B 182 9.54 3.38 -33.52
C GLN B 182 8.84 4.74 -33.67
N ILE B 183 9.49 5.78 -33.18
CA ILE B 183 8.98 7.14 -33.24
C ILE B 183 9.65 7.86 -34.40
N SER B 184 8.87 8.47 -35.27
CA SER B 184 9.38 9.24 -36.39
C SER B 184 9.14 10.72 -36.07
N TRP B 185 10.17 11.37 -35.54
CA TRP B 185 10.02 12.75 -35.08
C TRP B 185 9.73 13.72 -36.21
N SER B 186 9.94 13.32 -37.47
CA SER B 186 9.58 14.17 -38.58
C SER B 186 8.09 14.14 -38.88
N ASP B 187 7.38 13.14 -38.37
CA ASP B 187 5.93 13.04 -38.53
C ASP B 187 5.16 13.67 -37.38
N LEU B 188 5.85 14.32 -36.44
CA LEU B 188 5.17 14.98 -35.34
C LEU B 188 4.39 16.17 -35.87
N SER B 189 3.12 16.25 -35.51
CA SER B 189 2.24 17.31 -35.96
C SER B 189 2.11 18.35 -34.87
N ALA B 190 2.32 19.62 -35.22
CA ALA B 190 2.07 20.70 -34.28
C ALA B 190 0.58 20.90 -34.05
N LEU B 191 -0.22 20.66 -35.08
CA LEU B 191 -1.66 20.82 -34.95
C LEU B 191 -2.25 19.75 -34.03
N GLU B 192 -1.81 18.51 -34.17
CA GLU B 192 -2.26 17.45 -33.28
C GLU B 192 -1.78 17.69 -31.85
N LEU B 193 -0.59 18.26 -31.69
CA LEU B 193 -0.11 18.57 -30.35
C LEU B 193 -0.91 19.69 -29.72
N LEU B 194 -1.36 20.65 -30.53
CA LEU B 194 -2.23 21.71 -30.01
C LEU B 194 -3.60 21.15 -29.68
N LYS B 195 -4.11 20.23 -30.50
CA LYS B 195 -5.39 19.61 -30.26
C LYS B 195 -5.37 18.66 -29.06
N SER B 196 -4.19 18.17 -28.68
CA SER B 196 -4.09 17.29 -27.53
C SER B 196 -4.31 18.00 -26.20
N ILE B 197 -4.37 19.33 -26.19
CA ILE B 197 -4.61 20.07 -24.95
C ILE B 197 -6.06 19.88 -24.50
N PRO B 198 -7.07 20.11 -25.36
CA PRO B 198 -8.44 19.78 -24.93
C PRO B 198 -8.70 18.29 -24.81
N VAL B 199 -7.96 17.44 -25.52
CA VAL B 199 -8.22 16.01 -25.47
C VAL B 199 -7.79 15.41 -24.14
N GLY B 200 -6.79 15.97 -23.47
CA GLY B 200 -6.45 15.52 -22.13
C GLY B 200 -7.48 15.92 -21.10
N VAL B 201 -8.01 17.14 -21.22
CA VAL B 201 -9.12 17.56 -20.37
C VAL B 201 -10.33 16.69 -20.61
N GLY B 202 -10.57 16.30 -21.86
CA GLY B 202 -11.65 15.37 -22.14
C GLY B 202 -11.40 13.99 -21.55
N GLN B 203 -10.17 13.50 -21.65
CA GLN B 203 -9.80 12.21 -21.09
C GLN B 203 -9.87 12.19 -19.58
N ILE B 204 -9.95 13.34 -18.93
CA ILE B 204 -10.32 13.35 -17.52
C ILE B 204 -11.54 12.46 -17.27
N TYR B 205 -12.49 12.46 -18.21
CA TYR B 205 -13.67 11.59 -18.16
C TYR B 205 -13.54 10.36 -19.04
N GLY B 206 -12.41 10.16 -19.70
CA GLY B 206 -12.26 9.04 -20.61
C GLY B 206 -12.65 9.31 -22.03
N CYS B 207 -12.82 10.57 -22.42
CA CYS B 207 -13.38 10.96 -23.71
C CYS B 207 -12.29 11.51 -24.61
N ASP B 208 -12.10 10.88 -25.76
CA ASP B 208 -11.08 11.27 -26.71
C ASP B 208 -11.55 12.32 -27.71
N ASN B 209 -12.80 12.74 -27.63
CA ASN B 209 -13.29 13.78 -28.53
C ASN B 209 -12.61 15.10 -28.17
N PRO B 210 -12.14 15.88 -29.14
CA PRO B 210 -11.65 17.22 -28.80
C PRO B 210 -12.77 18.21 -28.54
N TRP B 211 -13.94 18.01 -29.15
CA TRP B 211 -15.09 18.87 -28.85
C TRP B 211 -15.59 18.61 -27.43
N THR B 212 -15.56 17.35 -27.00
CA THR B 212 -15.92 17.04 -25.61
C THR B 212 -14.96 17.71 -24.64
N GLY B 213 -13.67 17.70 -24.95
CA GLY B 213 -12.71 18.38 -24.09
C GLY B 213 -12.89 19.88 -24.09
N GLY B 214 -13.24 20.46 -25.25
CA GLY B 214 -13.55 21.88 -25.28
C GLY B 214 -14.79 22.23 -24.47
N ILE B 215 -15.80 21.36 -24.49
CA ILE B 215 -16.99 21.59 -23.69
C ILE B 215 -16.69 21.45 -22.21
N PHE B 216 -15.82 20.52 -21.85
CA PHE B 216 -15.41 20.39 -20.45
C PHE B 216 -14.62 21.61 -19.99
N LEU B 217 -13.75 22.13 -20.85
CA LEU B 217 -13.02 23.35 -20.51
C LEU B 217 -13.97 24.53 -20.39
N GLY B 218 -15.02 24.57 -21.22
CA GLY B 218 -16.01 25.62 -21.08
C GLY B 218 -16.78 25.53 -19.78
N ALA B 219 -17.09 24.31 -19.33
CA ALA B 219 -17.75 24.14 -18.05
C ALA B 219 -16.85 24.58 -16.90
N ILE B 220 -15.58 24.18 -16.94
CA ILE B 220 -14.64 24.59 -15.91
C ILE B 220 -14.46 26.11 -15.91
N LEU B 221 -14.44 26.72 -17.09
CA LEU B 221 -14.33 28.17 -17.18
C LEU B 221 -15.57 28.86 -16.64
N LEU B 222 -16.75 28.25 -16.84
CA LEU B 222 -17.96 28.78 -16.23
C LEU B 222 -17.84 28.79 -14.72
N SER B 223 -17.30 27.73 -14.13
CA SER B 223 -17.11 27.73 -12.69
C SER B 223 -16.04 28.75 -12.27
N SER B 224 -14.81 28.54 -12.71
CA SER B 224 -13.70 29.42 -12.35
C SER B 224 -12.70 29.50 -13.50
N PRO B 225 -12.40 30.70 -14.01
CA PRO B 225 -11.40 30.81 -15.08
C PRO B 225 -10.02 30.30 -14.69
N LEU B 226 -9.61 30.45 -13.43
CA LEU B 226 -8.31 29.95 -13.00
C LEU B 226 -8.25 28.43 -13.08
N MET B 227 -9.36 27.76 -12.77
CA MET B 227 -9.40 26.30 -12.91
C MET B 227 -9.25 25.89 -14.35
N CYS B 228 -9.88 26.62 -15.28
CA CYS B 228 -9.73 26.32 -16.70
C CYS B 228 -8.30 26.53 -17.15
N LEU B 229 -7.68 27.64 -16.73
CA LEU B 229 -6.29 27.90 -17.07
C LEU B 229 -5.39 26.77 -16.59
N HIS B 230 -5.58 26.32 -15.35
CA HIS B 230 -4.71 25.29 -14.83
C HIS B 230 -5.00 23.92 -15.43
N ALA B 231 -6.25 23.65 -15.84
CA ALA B 231 -6.55 22.43 -16.56
C ALA B 231 -5.83 22.39 -17.89
N ALA B 232 -5.92 23.47 -18.65
CA ALA B 232 -5.22 23.54 -19.93
C ALA B 232 -3.72 23.45 -19.75
N ILE B 233 -3.17 24.13 -18.75
CA ILE B 233 -1.72 24.13 -18.55
C ILE B 233 -1.24 22.75 -18.12
N GLY B 234 -1.99 22.05 -17.27
CA GLY B 234 -1.60 20.71 -16.89
C GLY B 234 -1.68 19.70 -18.01
N SER B 235 -2.69 19.81 -18.87
CA SER B 235 -2.72 18.97 -20.07
C SER B 235 -1.53 19.26 -20.98
N LEU B 236 -1.15 20.53 -21.13
CA LEU B 236 0.02 20.87 -21.93
C LEU B 236 1.31 20.33 -21.31
N LEU B 237 1.44 20.42 -19.98
CA LEU B 237 2.64 19.88 -19.33
C LEU B 237 2.71 18.37 -19.44
N GLY B 238 1.57 17.70 -19.48
CA GLY B 238 1.59 16.27 -19.75
C GLY B 238 2.03 15.96 -21.16
N ILE B 239 1.59 16.75 -22.14
CA ILE B 239 2.14 16.64 -23.50
C ILE B 239 3.65 16.76 -23.48
N ALA B 240 4.16 17.76 -22.76
CA ALA B 240 5.60 18.00 -22.72
C ALA B 240 6.35 16.83 -22.10
N ALA B 241 5.84 16.30 -20.99
CA ALA B 241 6.48 15.13 -20.38
C ALA B 241 6.44 13.91 -21.30
N GLY B 242 5.34 13.71 -22.00
CA GLY B 242 5.28 12.60 -22.94
C GLY B 242 6.27 12.73 -24.07
N LEU B 243 6.48 13.94 -24.55
CA LEU B 243 7.52 14.13 -25.56
C LEU B 243 8.91 13.94 -24.97
N SER B 244 9.12 14.35 -23.71
CA SER B 244 10.42 14.17 -23.07
C SER B 244 10.76 12.71 -22.83
N LEU B 245 9.77 11.82 -22.73
CA LEU B 245 10.05 10.40 -22.58
C LEU B 245 9.89 9.62 -23.88
N SER B 246 9.87 10.32 -25.02
CA SER B 246 9.77 9.69 -26.34
C SER B 246 8.57 8.75 -26.44
N ALA B 247 7.43 9.19 -25.93
CA ALA B 247 6.23 8.37 -25.98
C ALA B 247 5.71 8.30 -27.41
N PRO B 248 5.00 7.23 -27.76
CA PRO B 248 4.31 7.19 -29.06
C PRO B 248 3.39 8.38 -29.23
N PHE B 249 3.48 9.03 -30.38
CA PHE B 249 2.71 10.24 -30.62
C PHE B 249 1.21 9.97 -30.51
N GLU B 250 0.78 8.77 -30.85
CA GLU B 250 -0.64 8.45 -30.83
C GLU B 250 -1.19 8.40 -29.42
N ASN B 251 -0.34 8.24 -28.41
CA ASN B 251 -0.79 8.27 -27.03
C ASN B 251 -0.89 9.70 -26.50
N ILE B 252 -0.05 10.61 -27.03
CA ILE B 252 -0.16 12.01 -26.68
C ILE B 252 -1.35 12.64 -27.39
N TYR B 253 -1.60 12.22 -28.63
CA TYR B 253 -2.73 12.76 -29.38
C TYR B 253 -4.05 12.30 -28.81
N PHE B 254 -4.07 11.11 -28.20
CA PHE B 254 -5.25 10.57 -27.57
C PHE B 254 -5.56 11.21 -26.23
N GLY B 255 -4.63 12.01 -25.70
CA GLY B 255 -4.83 12.67 -24.44
C GLY B 255 -4.54 11.84 -23.22
N LEU B 256 -3.88 10.70 -23.37
CA LEU B 256 -3.56 9.86 -22.23
C LEU B 256 -2.44 10.42 -21.38
N TRP B 257 -1.75 11.44 -21.88
CA TRP B 257 -0.63 12.02 -21.15
C TRP B 257 -1.00 13.29 -20.41
N GLY B 258 -2.19 13.83 -20.63
CA GLY B 258 -2.54 15.11 -20.06
C GLY B 258 -3.65 15.11 -19.03
N PHE B 259 -4.36 14.00 -18.82
CA PHE B 259 -5.54 14.08 -17.96
C PHE B 259 -5.17 14.01 -16.48
N ASN B 260 -4.21 13.16 -16.11
CA ASN B 260 -3.72 13.12 -14.74
C ASN B 260 -3.04 14.43 -14.35
N SER B 261 -2.15 14.94 -15.20
CA SER B 261 -1.51 16.21 -14.91
C SER B 261 -2.47 17.38 -15.00
N SER B 262 -3.52 17.28 -15.81
CA SER B 262 -4.56 18.31 -15.80
C SER B 262 -5.25 18.36 -14.45
N LEU B 263 -5.68 17.22 -13.95
CA LEU B 263 -6.27 17.15 -12.61
C LEU B 263 -5.32 17.63 -11.52
N ALA B 264 -4.04 17.27 -11.60
CA ALA B 264 -3.07 17.67 -10.59
C ALA B 264 -2.78 19.17 -10.63
N CYS B 265 -2.75 19.78 -11.81
CA CYS B 265 -2.60 21.23 -11.90
C CYS B 265 -3.85 21.95 -11.44
N ILE B 266 -5.05 21.38 -11.67
CA ILE B 266 -6.26 21.99 -11.12
C ILE B 266 -6.22 21.95 -9.60
N ALA B 267 -5.91 20.79 -9.03
CA ALA B 267 -5.91 20.63 -7.58
C ALA B 267 -4.87 21.52 -6.93
N MET B 268 -3.65 21.52 -7.44
CA MET B 268 -2.59 22.29 -6.79
C MET B 268 -2.65 23.77 -7.13
N GLY B 269 -3.12 24.12 -8.31
CA GLY B 269 -3.12 25.52 -8.72
C GLY B 269 -4.33 26.29 -8.24
N GLY B 270 -4.35 26.62 -6.95
CA GLY B 270 -5.35 27.50 -6.42
C GLY B 270 -6.52 26.82 -5.74
N MET B 271 -6.63 25.50 -5.84
CA MET B 271 -7.81 24.79 -5.36
C MET B 271 -7.60 24.35 -3.92
N PHE B 272 -6.71 23.38 -3.70
CA PHE B 272 -6.39 22.90 -2.37
C PHE B 272 -5.15 23.55 -1.81
N MET B 273 -4.51 24.43 -2.57
CA MET B 273 -3.44 25.28 -2.11
C MET B 273 -3.78 26.67 -2.59
N ALA B 274 -3.70 27.67 -1.72
CA ALA B 274 -4.01 29.03 -2.13
C ALA B 274 -3.12 29.45 -3.29
N LEU B 275 -3.66 30.30 -4.16
CA LEU B 275 -3.00 30.64 -5.41
C LEU B 275 -2.09 31.85 -5.20
N THR B 276 -0.79 31.59 -5.16
CA THR B 276 0.25 32.58 -5.26
C THR B 276 1.10 32.22 -6.47
N TRP B 277 2.13 33.01 -6.79
CA TRP B 277 2.97 32.59 -7.90
C TRP B 277 3.83 31.39 -7.52
N GLN B 278 4.21 31.28 -6.25
CA GLN B 278 4.91 30.10 -5.76
C GLN B 278 4.09 28.84 -5.85
N THR B 279 2.81 28.89 -5.49
CA THR B 279 1.95 27.71 -5.64
C THR B 279 1.57 27.45 -7.09
N HIS B 280 1.59 28.47 -7.94
CA HIS B 280 1.44 28.23 -9.37
C HIS B 280 2.61 27.43 -9.92
N LEU B 281 3.84 27.84 -9.59
CA LEU B 281 4.99 27.08 -10.02
C LEU B 281 5.00 25.68 -9.41
N LEU B 282 4.59 25.56 -8.16
CA LEU B 282 4.46 24.25 -7.54
C LEU B 282 3.41 23.40 -8.23
N ALA B 283 2.34 24.00 -8.74
CA ALA B 283 1.34 23.26 -9.49
C ALA B 283 1.87 22.80 -10.84
N LEU B 284 2.72 23.61 -11.48
CA LEU B 284 3.39 23.16 -12.69
C LEU B 284 4.31 21.98 -12.40
N GLY B 285 5.06 22.06 -11.31
CA GLY B 285 5.91 20.93 -10.93
C GLY B 285 5.10 19.68 -10.61
N CYS B 286 3.96 19.85 -9.95
CA CYS B 286 3.10 18.71 -9.67
C CYS B 286 2.51 18.13 -10.95
N ALA B 287 2.18 18.97 -11.91
CA ALA B 287 1.67 18.48 -13.19
C ALA B 287 2.72 17.64 -13.92
N LEU B 288 3.96 18.13 -13.97
CA LEU B 288 5.02 17.34 -14.60
C LEU B 288 5.28 16.04 -13.84
N PHE B 289 5.42 16.12 -12.52
CA PHE B 289 5.60 14.93 -11.71
C PHE B 289 4.47 13.93 -11.92
N THR B 290 3.23 14.41 -12.06
CA THR B 290 2.09 13.54 -12.23
C THR B 290 2.04 12.91 -13.61
N ALA B 291 2.50 13.62 -14.65
CA ALA B 291 2.64 12.99 -15.95
C ALA B 291 3.64 11.86 -15.92
N TYR B 292 4.79 12.09 -15.28
CA TYR B 292 5.80 11.05 -15.20
C TYR B 292 5.36 9.87 -14.34
N LEU B 293 4.71 10.14 -13.20
CA LEU B 293 4.13 9.06 -12.41
C LEU B 293 3.00 8.38 -13.16
N GLY B 294 2.33 9.09 -14.05
CA GLY B 294 1.28 8.46 -14.84
C GLY B 294 1.82 7.42 -15.79
N VAL B 295 2.88 7.75 -16.50
CA VAL B 295 3.48 6.73 -17.36
C VAL B 295 4.12 5.61 -16.53
N GLY B 296 4.68 5.95 -15.37
CA GLY B 296 5.22 4.91 -14.51
C GLY B 296 4.17 3.92 -14.06
N MET B 297 3.06 4.43 -13.52
CA MET B 297 1.98 3.56 -13.05
C MET B 297 1.28 2.86 -14.20
N ALA B 298 1.20 3.48 -15.38
CA ALA B 298 0.63 2.80 -16.53
C ALA B 298 1.47 1.60 -16.92
N ASN B 299 2.79 1.79 -17.04
CA ASN B 299 3.66 0.68 -17.36
C ASN B 299 3.64 -0.40 -16.28
N PHE B 300 3.55 0.02 -15.02
CA PHE B 300 3.62 -0.95 -13.92
C PHE B 300 2.32 -1.75 -13.80
N MET B 301 1.18 -1.08 -13.93
CA MET B 301 -0.11 -1.73 -13.79
C MET B 301 -0.54 -2.46 -15.06
N ALA B 302 0.09 -2.15 -16.20
CA ALA B 302 -0.12 -2.97 -17.38
C ALA B 302 0.38 -4.39 -17.17
N GLU B 303 1.33 -4.58 -16.25
CA GLU B 303 1.87 -5.90 -15.99
C GLU B 303 0.87 -6.80 -15.27
N VAL B 304 0.01 -6.21 -14.45
CA VAL B 304 -1.07 -6.95 -13.79
C VAL B 304 -2.38 -6.84 -14.54
N GLY B 305 -2.35 -6.39 -15.79
CA GLY B 305 -3.53 -6.33 -16.62
C GLY B 305 -4.48 -5.21 -16.33
N LEU B 306 -4.02 -4.13 -15.72
CA LEU B 306 -4.90 -3.07 -15.25
C LEU B 306 -4.50 -1.74 -15.84
N PRO B 307 -5.45 -0.82 -16.00
CA PRO B 307 -5.09 0.55 -16.37
C PRO B 307 -4.75 1.39 -15.15
N ALA B 308 -3.89 2.39 -15.34
CA ALA B 308 -3.49 3.25 -14.25
C ALA B 308 -4.63 4.17 -13.82
N CYS B 309 -5.42 4.60 -14.82
CA CYS B 309 -6.55 5.52 -14.56
C CYS B 309 -6.02 6.81 -13.94
N THR B 310 -6.59 7.23 -12.81
CA THR B 310 -6.15 8.46 -12.15
C THR B 310 -5.47 8.20 -10.81
N TRP B 311 -4.97 6.98 -10.60
CA TRP B 311 -4.09 6.66 -9.49
C TRP B 311 -2.91 7.62 -9.43
N PRO B 312 -2.27 7.95 -10.56
CA PRO B 312 -1.17 8.93 -10.51
C PRO B 312 -1.58 10.28 -9.97
N PHE B 313 -2.70 10.84 -10.42
CA PHE B 313 -3.16 12.12 -9.91
C PHE B 313 -3.37 12.08 -8.41
N CYS B 314 -4.07 11.06 -7.92
CA CYS B 314 -4.34 10.98 -6.49
C CYS B 314 -3.06 10.86 -5.69
N LEU B 315 -2.17 9.94 -6.07
CA LEU B 315 -0.96 9.73 -5.29
C LEU B 315 -0.04 10.94 -5.33
N ALA B 316 0.16 11.53 -6.52
CA ALA B 316 1.07 12.65 -6.65
C ALA B 316 0.53 13.89 -5.95
N THR B 317 -0.78 14.13 -6.03
CA THR B 317 -1.35 15.31 -5.40
C THR B 317 -1.39 15.16 -3.89
N LEU B 318 -1.66 13.94 -3.39
CA LEU B 318 -1.54 13.72 -1.96
C LEU B 318 -0.11 13.90 -1.49
N LEU B 319 0.86 13.46 -2.30
CA LEU B 319 2.26 13.66 -1.94
C LEU B 319 2.61 15.14 -1.86
N PHE B 320 2.15 15.93 -2.83
CA PHE B 320 2.46 17.36 -2.84
C PHE B 320 1.67 18.13 -1.79
N LEU B 321 0.55 17.61 -1.31
CA LEU B 321 -0.20 18.26 -0.25
C LEU B 321 0.33 17.89 1.14
N ILE B 322 0.85 16.67 1.30
CA ILE B 322 1.45 16.26 2.56
C ILE B 322 2.80 16.93 2.75
N MET B 323 3.48 17.28 1.66
CA MET B 323 4.74 17.99 1.74
C MET B 323 4.59 19.30 2.52
N THR B 324 5.56 19.58 3.38
CA THR B 324 5.57 20.80 4.16
C THR B 324 6.78 21.65 3.79
N THR B 325 6.58 22.96 3.76
CA THR B 325 7.66 23.92 3.59
C THR B 325 7.57 24.95 4.71
N LYS B 326 8.63 25.73 4.86
CA LYS B 326 8.59 26.90 5.73
C LYS B 326 8.33 28.18 4.97
N ASN B 327 7.93 28.08 3.72
CA ASN B 327 7.49 29.22 2.92
C ASN B 327 6.07 29.57 3.33
N SER B 328 5.86 30.83 3.71
CA SER B 328 4.53 31.26 4.13
C SER B 328 3.60 31.47 2.94
N ASN B 329 4.14 31.74 1.76
CA ASN B 329 3.37 31.93 0.55
C ASN B 329 3.06 30.64 -0.17
N ILE B 330 3.45 29.50 0.38
CA ILE B 330 3.02 28.19 -0.09
C ILE B 330 2.07 27.68 0.98
N TYR B 331 0.78 27.99 0.80
CA TYR B 331 -0.22 27.82 1.84
C TYR B 331 -1.23 26.77 1.43
N LYS B 332 -1.44 25.78 2.29
CA LYS B 332 -2.41 24.72 2.05
C LYS B 332 -3.76 25.14 2.62
N MET B 333 -4.78 25.12 1.78
CA MET B 333 -6.10 25.58 2.19
C MET B 333 -6.72 24.60 3.18
N PRO B 334 -7.37 25.10 4.23
CA PRO B 334 -8.20 24.22 5.06
C PRO B 334 -9.35 23.65 4.24
N LEU B 335 -9.60 22.35 4.41
CA LEU B 335 -10.60 21.67 3.60
C LEU B 335 -11.98 22.25 3.81
N SER B 336 -12.23 22.86 4.97
CA SER B 336 -13.55 23.43 5.22
C SER B 336 -13.77 24.74 4.45
N LYS B 337 -12.70 25.34 3.94
CA LYS B 337 -12.77 26.64 3.28
C LYS B 337 -12.42 26.55 1.79
N VAL B 338 -12.42 25.35 1.23
CA VAL B 338 -12.02 25.12 -0.16
C VAL B 338 -13.28 25.21 -1.00
N THR B 339 -13.42 26.29 -1.77
CA THR B 339 -14.53 26.47 -2.69
C THR B 339 -14.04 26.48 -4.13
N TYR B 340 -13.39 27.56 -4.57
CA TYR B 340 -12.80 27.63 -5.90
C TYR B 340 -11.76 28.74 -5.89
N PRO B 341 -10.75 28.67 -6.78
CA PRO B 341 -9.51 29.43 -6.58
C PRO B 341 -9.68 30.90 -6.28
N GLU B 342 -10.71 31.56 -6.81
CA GLU B 342 -10.89 32.97 -6.53
C GLU B 342 -11.24 33.21 -5.07
N GLU B 343 -12.28 32.53 -4.57
CA GLU B 343 -12.62 32.66 -3.17
C GLU B 343 -11.52 32.12 -2.27
N ASN B 344 -10.83 31.06 -2.70
CA ASN B 344 -9.70 30.55 -1.92
C ASN B 344 -8.64 31.61 -1.76
N ARG B 345 -8.34 32.34 -2.82
CA ARG B 345 -7.32 33.38 -2.73
C ARG B 345 -7.78 34.54 -1.86
N ILE B 346 -9.06 34.92 -1.93
CA ILE B 346 -9.55 35.97 -1.04
C ILE B 346 -9.42 35.53 0.42
N PHE B 347 -9.79 34.29 0.72
CA PHE B 347 -9.66 33.77 2.07
C PHE B 347 -8.22 33.76 2.53
N TYR B 348 -7.30 33.33 1.65
CA TYR B 348 -5.89 33.28 2.02
C TYR B 348 -5.33 34.68 2.24
N LEU B 349 -5.73 35.66 1.44
CA LEU B 349 -5.25 37.01 1.65
C LEU B 349 -5.73 37.58 2.98
N GLN B 350 -7.00 37.33 3.32
CA GLN B 350 -7.49 37.79 4.61
C GLN B 350 -6.78 37.10 5.76
N ALA B 351 -6.54 35.79 5.66
CA ALA B 351 -5.81 35.08 6.70
C ALA B 351 -4.37 35.54 6.80
N LYS B 352 -3.77 35.93 5.68
CA LYS B 352 -2.38 36.41 5.70
C LYS B 352 -2.30 37.80 6.31
N LYS B 353 -3.34 38.62 6.11
CA LYS B 353 -3.40 39.88 6.84
C LYS B 353 -3.58 39.62 8.34
N ARG B 354 -4.38 38.61 8.70
CA ARG B 354 -4.54 38.28 10.10
C ARG B 354 -3.26 37.70 10.70
N MET B 355 -2.40 37.13 9.87
CA MET B 355 -1.14 36.56 10.38
C MET B 355 -0.16 37.66 10.75
N VAL B 356 -0.11 38.73 9.96
CA VAL B 356 0.79 39.84 10.25
C VAL B 356 0.22 40.68 11.39
N PHE C 2 -26.88 -31.78 32.19
CA PHE C 2 -26.41 -31.49 30.84
C PHE C 2 -26.41 -30.00 30.48
N PRO C 3 -27.49 -29.25 30.79
CA PRO C 3 -27.46 -27.81 30.49
C PRO C 3 -26.34 -27.06 31.18
N LYS C 4 -25.94 -27.48 32.38
CA LYS C 4 -24.82 -26.85 33.06
C LYS C 4 -23.54 -27.00 32.24
N ALA C 5 -23.24 -28.22 31.80
CA ALA C 5 -22.05 -28.45 30.99
C ALA C 5 -22.12 -27.65 29.69
N LEU C 6 -23.31 -27.59 29.08
CA LEU C 6 -23.46 -26.83 27.85
C LEU C 6 -23.13 -25.37 28.07
N GLY C 7 -23.72 -24.76 29.10
CA GLY C 7 -23.39 -23.39 29.41
C GLY C 7 -21.93 -23.21 29.78
N TYR C 8 -21.28 -24.28 30.25
CA TYR C 8 -19.87 -24.18 30.60
C TYR C 8 -18.98 -24.20 29.37
N VAL C 9 -19.38 -24.90 28.30
CA VAL C 9 -18.53 -25.06 27.13
C VAL C 9 -18.91 -24.12 26.00
N THR C 10 -19.84 -23.19 26.20
CA THR C 10 -20.29 -22.28 25.17
C THR C 10 -19.65 -20.91 25.34
N GLY C 11 -19.79 -20.10 24.29
CA GLY C 11 -19.31 -18.72 24.37
C GLY C 11 -17.80 -18.63 24.28
N ASP C 12 -17.20 -17.99 25.27
CA ASP C 12 -15.76 -17.87 25.36
C ASP C 12 -15.16 -18.76 26.43
N MET C 13 -15.99 -19.42 27.25
CA MET C 13 -15.53 -20.25 28.36
C MET C 13 -14.69 -19.44 29.35
N LYS C 14 -15.34 -18.45 29.97
CA LYS C 14 -14.65 -17.58 30.91
C LYS C 14 -14.34 -18.30 32.22
N GLU C 15 -15.25 -19.16 32.68
CA GLU C 15 -15.05 -19.86 33.93
C GLU C 15 -13.80 -20.74 33.87
N LEU C 16 -13.64 -21.47 32.77
CA LEU C 16 -12.42 -22.26 32.59
C LEU C 16 -11.20 -21.36 32.47
N ALA C 17 -11.35 -20.18 31.87
CA ALA C 17 -10.22 -19.27 31.75
C ALA C 17 -9.70 -18.87 33.12
N ASN C 18 -10.60 -18.54 34.04
CA ASN C 18 -10.18 -18.21 35.40
C ASN C 18 -9.60 -19.43 36.11
N GLN C 19 -10.33 -20.55 36.07
CA GLN C 19 -9.87 -21.76 36.74
C GLN C 19 -8.47 -22.15 36.28
N LEU C 20 -8.15 -21.90 35.01
CA LEU C 20 -6.82 -22.19 34.51
C LEU C 20 -5.82 -21.11 34.87
N LYS C 21 -6.26 -19.85 34.95
CA LYS C 21 -5.41 -18.82 35.53
C LYS C 21 -4.87 -19.24 36.88
N ASP C 22 -5.63 -20.05 37.61
CA ASP C 22 -5.08 -20.61 38.85
C ASP C 22 -4.15 -21.80 38.60
N LYS C 23 -4.34 -22.54 37.51
CA LYS C 23 -3.66 -23.81 37.29
C LYS C 23 -2.23 -23.61 36.80
N PRO C 24 -1.42 -24.67 36.75
CA PRO C 24 -0.05 -24.54 36.24
C PRO C 24 0.00 -24.01 34.81
N VAL C 25 1.20 -23.56 34.42
CA VAL C 25 1.32 -22.82 33.18
C VAL C 25 1.32 -23.72 31.94
N VAL C 26 1.51 -25.03 32.12
CA VAL C 26 1.46 -25.92 30.95
C VAL C 26 0.02 -26.11 30.50
N LEU C 27 -0.90 -26.30 31.46
CA LEU C 27 -2.31 -26.36 31.11
C LEU C 27 -2.79 -25.06 30.50
N GLN C 28 -2.34 -23.93 31.05
CA GLN C 28 -2.67 -22.64 30.47
C GLN C 28 -2.14 -22.52 29.06
N PHE C 29 -0.94 -23.04 28.80
CA PHE C 29 -0.39 -22.97 27.45
C PHE C 29 -1.21 -23.82 26.48
N ILE C 30 -1.63 -25.00 26.91
CA ILE C 30 -2.51 -25.82 26.07
C ILE C 30 -3.80 -25.07 25.77
N ASP C 31 -4.36 -24.41 26.78
CA ASP C 31 -5.56 -23.60 26.59
C ASP C 31 -5.34 -22.50 25.58
N TRP C 32 -4.20 -21.82 25.65
CA TRP C 32 -3.91 -20.73 24.71
C TRP C 32 -3.72 -21.26 23.30
N ILE C 33 -3.15 -22.46 23.17
CA ILE C 33 -3.00 -23.05 21.85
C ILE C 33 -4.36 -23.38 21.25
N LEU C 34 -5.25 -23.95 22.04
CA LEU C 34 -6.58 -24.29 21.52
C LEU C 34 -7.38 -23.05 21.18
N ARG C 35 -7.29 -22.01 22.02
CA ARG C 35 -7.95 -20.75 21.70
C ARG C 35 -7.34 -20.08 20.48
N GLY C 36 -6.04 -20.25 20.26
CA GLY C 36 -5.44 -19.71 19.05
C GLY C 36 -5.85 -20.46 17.81
N ILE C 37 -6.07 -21.77 17.93
CA ILE C 37 -6.61 -22.53 16.81
C ILE C 37 -8.00 -22.04 16.47
N SER C 38 -8.86 -21.90 17.48
CA SER C 38 -10.23 -21.48 17.21
C SER C 38 -10.37 -20.02 16.84
N GLN C 39 -9.41 -19.16 17.20
CA GLN C 39 -9.50 -17.75 16.88
C GLN C 39 -9.38 -17.46 15.40
N VAL C 40 -9.19 -18.46 14.55
CA VAL C 40 -9.17 -18.20 13.12
C VAL C 40 -10.57 -17.83 12.63
N VAL C 41 -11.61 -18.33 13.29
CA VAL C 41 -12.99 -18.02 12.95
C VAL C 41 -13.59 -17.12 14.02
N PHE C 42 -12.76 -16.25 14.60
CA PHE C 42 -13.14 -15.29 15.63
C PHE C 42 -13.64 -15.93 16.92
N VAL C 43 -13.38 -17.21 17.12
CA VAL C 43 -13.94 -17.94 18.24
C VAL C 43 -12.85 -18.09 19.31
N ASN C 44 -13.13 -17.62 20.52
CA ASN C 44 -12.21 -17.71 21.64
C ASN C 44 -12.69 -18.79 22.60
N ASN C 45 -12.57 -20.03 22.14
CA ASN C 45 -13.13 -21.18 22.83
C ASN C 45 -12.13 -22.31 22.63
N PRO C 46 -11.67 -22.97 23.69
CA PRO C 46 -10.74 -24.07 23.52
C PRO C 46 -11.39 -25.37 23.04
N VAL C 47 -12.66 -25.59 23.39
CA VAL C 47 -13.36 -26.78 22.89
C VAL C 47 -13.69 -26.63 21.42
N SER C 48 -14.03 -25.42 20.99
CA SER C 48 -14.12 -25.16 19.56
C SER C 48 -12.78 -25.38 18.88
N GLY C 49 -11.67 -25.07 19.56
CA GLY C 49 -10.37 -25.34 18.99
C GLY C 49 -10.08 -26.82 18.87
N ILE C 50 -10.53 -27.61 19.84
CA ILE C 50 -10.41 -29.06 19.74
C ILE C 50 -11.23 -29.59 18.57
N LEU C 51 -12.43 -29.07 18.39
CA LEU C 51 -13.27 -29.53 17.29
C LEU C 51 -12.68 -29.12 15.94
N ILE C 52 -12.11 -27.92 15.85
CA ILE C 52 -11.47 -27.49 14.62
C ILE C 52 -10.22 -28.32 14.35
N LEU C 53 -9.51 -28.73 15.40
CA LEU C 53 -8.36 -29.61 15.21
C LEU C 53 -8.79 -30.98 14.73
N VAL C 54 -9.91 -31.48 15.23
CA VAL C 54 -10.45 -32.76 14.74
C VAL C 54 -10.85 -32.63 13.28
N GLY C 55 -11.41 -31.49 12.90
CA GLY C 55 -11.75 -31.29 11.50
C GLY C 55 -10.53 -31.23 10.61
N LEU C 56 -9.46 -30.59 11.09
CA LEU C 56 -8.20 -30.55 10.34
C LEU C 56 -7.59 -31.93 10.20
N LEU C 57 -7.69 -32.77 11.24
CA LEU C 57 -7.23 -34.14 11.13
C LEU C 57 -8.08 -34.95 10.17
N VAL C 58 -9.38 -34.66 10.09
CA VAL C 58 -10.24 -35.32 9.12
C VAL C 58 -9.82 -34.94 7.70
N GLN C 59 -9.52 -33.67 7.47
CA GLN C 59 -9.01 -33.23 6.18
C GLN C 59 -7.68 -33.89 5.87
N ASN C 60 -6.65 -33.58 6.64
CA ASN C 60 -5.27 -33.99 6.38
C ASN C 60 -4.48 -33.90 7.67
N PRO C 61 -4.02 -35.01 8.25
CA PRO C 61 -3.24 -34.92 9.48
C PRO C 61 -1.94 -34.16 9.35
N TRP C 62 -1.35 -34.11 8.16
CA TRP C 62 -0.14 -33.33 7.95
C TRP C 62 -0.43 -31.84 8.10
N TRP C 63 -1.58 -31.38 7.62
CA TRP C 63 -1.94 -29.98 7.76
C TRP C 63 -2.25 -29.64 9.21
N ALA C 64 -2.89 -30.57 9.94
CA ALA C 64 -3.11 -30.37 11.36
C ALA C 64 -1.79 -30.26 12.12
N LEU C 65 -0.83 -31.13 11.79
CA LEU C 65 0.47 -31.07 12.45
C LEU C 65 1.18 -29.75 12.19
N THR C 66 1.26 -29.34 10.92
CA THR C 66 1.94 -28.09 10.62
C THR C 66 1.23 -26.88 11.22
N GLY C 67 -0.11 -26.88 11.24
CA GLY C 67 -0.82 -25.76 11.81
C GLY C 67 -0.73 -25.68 13.31
N TRP C 68 -0.80 -26.83 13.98
CA TRP C 68 -0.62 -26.86 15.42
C TRP C 68 0.79 -26.45 15.81
N LEU C 69 1.79 -26.85 15.03
CA LEU C 69 3.15 -26.44 15.31
C LEU C 69 3.33 -24.95 15.08
N GLY C 70 2.68 -24.40 14.06
CA GLY C 70 2.69 -22.96 13.90
C GLY C 70 2.10 -22.24 15.09
N THR C 71 0.96 -22.71 15.58
CA THR C 71 0.35 -22.10 16.76
C THR C 71 1.29 -22.16 17.96
N VAL C 72 1.90 -23.31 18.19
CA VAL C 72 2.78 -23.47 19.35
C VAL C 72 3.99 -22.53 19.24
N VAL C 73 4.62 -22.50 18.07
CA VAL C 73 5.81 -21.68 17.89
C VAL C 73 5.46 -20.21 18.03
N SER C 74 4.30 -19.79 17.54
CA SER C 74 3.93 -18.38 17.62
C SER C 74 3.56 -17.98 19.04
N THR C 75 2.87 -18.84 19.78
CA THR C 75 2.58 -18.52 21.18
C THR C 75 3.85 -18.46 22.01
N LEU C 76 4.79 -19.37 21.77
CA LEU C 76 6.06 -19.32 22.50
C LEU C 76 6.86 -18.08 22.12
N MET C 77 6.83 -17.70 20.85
CA MET C 77 7.53 -16.51 20.41
C MET C 77 6.92 -15.24 20.99
N ALA C 78 5.59 -15.20 21.11
CA ALA C 78 4.94 -14.07 21.75
C ALA C 78 5.25 -14.01 23.23
N LEU C 79 5.39 -15.17 23.87
CA LEU C 79 5.84 -15.18 25.26
C LEU C 79 7.26 -14.66 25.38
N LEU C 80 8.12 -15.01 24.43
CA LEU C 80 9.51 -14.57 24.48
C LEU C 80 9.65 -13.08 24.20
N LEU C 81 8.79 -12.53 23.35
CA LEU C 81 8.83 -11.12 23.01
C LEU C 81 8.07 -10.25 24.00
N SER C 82 7.66 -10.79 25.14
CA SER C 82 6.99 -10.05 26.20
C SER C 82 5.77 -9.29 25.67
N GLN C 83 4.89 -10.02 25.01
CA GLN C 83 3.65 -9.44 24.55
C GLN C 83 2.60 -9.47 25.65
N ASP C 84 1.50 -8.77 25.44
CA ASP C 84 0.43 -8.74 26.44
C ASP C 84 -0.03 -10.15 26.71
N ARG C 85 -0.06 -10.51 28.00
CA ARG C 85 -0.46 -11.86 28.39
C ARG C 85 -1.95 -12.06 28.20
N SER C 86 -2.73 -10.98 28.27
CA SER C 86 -4.17 -11.08 28.05
C SER C 86 -4.48 -11.37 26.59
N LEU C 87 -3.63 -10.87 25.68
CA LEU C 87 -3.81 -11.21 24.26
C LEU C 87 -3.29 -12.60 23.96
N ILE C 88 -2.23 -13.03 24.66
CA ILE C 88 -1.69 -14.36 24.45
C ILE C 88 -2.65 -15.41 24.97
N ALA C 89 -3.36 -15.11 26.06
CA ALA C 89 -4.22 -16.08 26.70
C ALA C 89 -5.57 -16.20 26.02
N SER C 90 -5.96 -15.22 25.23
CA SER C 90 -7.14 -15.32 24.38
C SER C 90 -6.81 -15.87 23.00
N GLY C 91 -5.62 -16.43 22.80
CA GLY C 91 -5.24 -17.01 21.55
C GLY C 91 -5.01 -16.04 20.42
N LEU C 92 -4.85 -14.76 20.72
CA LEU C 92 -4.69 -13.75 19.67
C LEU C 92 -3.26 -13.63 19.18
N TYR C 93 -2.37 -14.51 19.61
CA TYR C 93 -1.00 -14.57 19.10
C TYR C 93 -0.69 -15.92 18.47
N GLY C 94 -1.71 -16.72 18.17
CA GLY C 94 -1.48 -18.04 17.64
C GLY C 94 -2.30 -18.40 16.43
N TYR C 95 -3.28 -17.57 16.06
CA TYR C 95 -4.18 -17.96 14.97
C TYR C 95 -3.59 -17.64 13.61
N ASN C 96 -2.87 -16.54 13.49
CA ASN C 96 -2.20 -16.21 12.24
C ASN C 96 -1.16 -17.26 11.91
N ALA C 97 -0.51 -17.84 12.93
CA ALA C 97 0.46 -18.88 12.67
C ALA C 97 -0.19 -20.24 12.50
N THR C 98 -1.35 -20.47 13.09
CA THR C 98 -2.14 -21.63 12.71
C THR C 98 -2.41 -21.62 11.22
N LEU C 99 -2.83 -20.46 10.71
CA LEU C 99 -3.06 -20.32 9.28
C LEU C 99 -1.77 -20.47 8.48
N VAL C 100 -0.68 -19.84 8.94
CA VAL C 100 0.60 -19.95 8.26
C VAL C 100 1.01 -21.42 8.14
N GLY C 101 0.89 -22.18 9.23
CA GLY C 101 1.31 -23.56 9.22
C GLY C 101 0.43 -24.43 8.36
N VAL C 102 -0.89 -24.18 8.37
CA VAL C 102 -1.76 -25.00 7.54
C VAL C 102 -1.54 -24.70 6.07
N LEU C 103 -1.39 -23.44 5.69
CA LEU C 103 -1.36 -23.07 4.28
C LEU C 103 0.04 -23.01 3.70
N MET C 104 1.07 -23.21 4.50
CA MET C 104 2.37 -23.54 3.95
C MET C 104 2.44 -24.98 3.46
N ALA C 105 1.67 -25.86 4.09
CA ALA C 105 1.52 -27.24 3.66
C ALA C 105 0.50 -27.38 2.54
N VAL C 106 -0.56 -26.58 2.58
CA VAL C 106 -1.52 -26.57 1.47
C VAL C 106 -0.83 -26.13 0.18
N PHE C 107 -0.07 -25.04 0.23
CA PHE C 107 0.56 -24.46 -0.95
C PHE C 107 1.96 -25.01 -1.19
N SER C 108 2.22 -26.23 -0.75
CA SER C 108 3.53 -26.85 -0.90
C SER C 108 3.50 -27.83 -2.05
N ASP C 109 4.58 -27.85 -2.82
CA ASP C 109 4.70 -28.72 -3.98
C ASP C 109 5.44 -30.01 -3.68
N LYS C 110 5.68 -30.33 -2.41
CA LYS C 110 6.45 -31.50 -2.04
C LYS C 110 5.60 -32.60 -1.41
N GLY C 111 4.29 -32.42 -1.35
CA GLY C 111 3.41 -33.47 -0.87
C GLY C 111 3.32 -33.54 0.63
N ASP C 112 2.59 -34.55 1.10
CA ASP C 112 2.33 -34.71 2.51
C ASP C 112 3.56 -35.23 3.24
N TYR C 113 3.71 -34.80 4.48
CA TYR C 113 4.80 -35.25 5.35
C TYR C 113 6.15 -34.97 4.71
N PHE C 114 6.30 -33.78 4.15
CA PHE C 114 7.58 -33.25 3.72
C PHE C 114 8.22 -32.61 4.94
N TRP C 115 8.95 -33.43 5.70
CA TRP C 115 9.36 -33.03 7.03
C TRP C 115 10.21 -31.77 7.04
N TRP C 116 11.00 -31.54 6.00
CA TRP C 116 11.79 -30.32 5.92
C TRP C 116 10.92 -29.07 5.97
N LEU C 117 9.66 -29.16 5.56
CA LEU C 117 8.77 -28.02 5.63
C LEU C 117 8.58 -27.52 7.05
N LEU C 118 8.89 -28.35 8.05
CA LEU C 118 8.75 -27.88 9.43
C LEU C 118 9.76 -26.79 9.76
N LEU C 119 10.81 -26.65 8.94
CA LEU C 119 11.78 -25.59 9.23
C LEU C 119 11.28 -24.22 8.80
N PRO C 120 10.78 -24.01 7.58
CA PRO C 120 10.19 -22.69 7.28
C PRO C 120 8.92 -22.41 8.05
N VAL C 121 8.07 -23.42 8.29
CA VAL C 121 6.90 -23.23 9.17
C VAL C 121 7.31 -22.52 10.44
N CYS C 122 8.14 -23.15 11.26
CA CYS C 122 8.66 -22.52 12.46
C CYS C 122 9.15 -21.11 12.17
N ALA C 123 9.97 -20.95 11.14
CA ALA C 123 10.53 -19.63 10.84
C ALA C 123 9.41 -18.61 10.65
N MET C 124 8.44 -18.92 9.78
CA MET C 124 7.39 -17.95 9.54
C MET C 124 6.48 -17.83 10.74
N SER C 125 6.38 -18.89 11.55
CA SER C 125 5.57 -18.80 12.75
C SER C 125 6.24 -17.92 13.79
N MET C 126 7.54 -17.65 13.67
CA MET C 126 8.16 -16.69 14.55
C MET C 126 8.00 -15.28 14.04
N THR C 127 7.58 -15.11 12.78
CA THR C 127 7.36 -13.76 12.27
C THR C 127 5.95 -13.28 12.55
N CYS C 128 5.03 -14.19 12.86
CA CYS C 128 3.64 -13.79 13.04
C CYS C 128 3.38 -12.99 14.30
N PRO C 129 4.04 -13.23 15.44
CA PRO C 129 3.90 -12.27 16.55
C PRO C 129 4.38 -10.88 16.21
N ILE C 130 5.56 -10.77 15.61
CA ILE C 130 6.08 -9.47 15.20
C ILE C 130 5.08 -8.74 14.32
N PHE C 131 4.70 -9.35 13.20
CA PHE C 131 3.59 -8.82 12.40
C PHE C 131 2.41 -8.46 13.29
N SER C 132 1.92 -9.43 14.06
CA SER C 132 0.74 -9.19 14.88
C SER C 132 0.95 -8.01 15.80
N SER C 133 2.16 -7.87 16.35
CA SER C 133 2.42 -6.76 17.23
C SER C 133 2.43 -5.45 16.45
N ALA C 134 3.20 -5.40 15.37
CA ALA C 134 3.36 -4.14 14.64
C ALA C 134 2.02 -3.62 14.17
N LEU C 135 1.28 -4.45 13.44
CA LEU C 135 -0.04 -4.04 12.97
C LEU C 135 -0.95 -3.68 14.13
N ASN C 136 -0.90 -4.44 15.23
CA ASN C 136 -1.80 -4.13 16.34
C ASN C 136 -1.47 -2.79 16.95
N SER C 137 -0.24 -2.31 16.79
CA SER C 137 0.03 -0.93 17.11
C SER C 137 -0.74 -0.02 16.15
N VAL C 138 -0.39 -0.11 14.87
CA VAL C 138 -0.96 0.79 13.86
C VAL C 138 -2.48 0.81 13.96
N LEU C 139 -3.09 -0.37 13.91
CA LEU C 139 -4.54 -0.44 13.80
C LEU C 139 -5.25 -0.19 15.12
N SER C 140 -4.57 -0.24 16.26
CA SER C 140 -5.30 0.03 17.50
C SER C 140 -5.31 1.50 17.86
N LYS C 141 -4.42 2.29 17.27
CA LYS C 141 -4.55 3.75 17.32
C LYS C 141 -5.97 4.17 16.95
N TRP C 142 -6.58 3.51 15.97
CA TRP C 142 -7.88 3.89 15.44
C TRP C 142 -8.92 2.80 15.68
N ASP C 143 -8.68 1.96 16.68
CA ASP C 143 -9.64 1.00 17.20
C ASP C 143 -10.11 0.03 16.12
N LEU C 144 -9.15 -0.51 15.38
CA LEU C 144 -9.46 -1.40 14.29
C LEU C 144 -8.85 -2.77 14.57
N PRO C 145 -9.55 -3.84 14.20
CA PRO C 145 -8.97 -5.18 14.38
C PRO C 145 -7.90 -5.48 13.35
N VAL C 146 -6.99 -6.37 13.75
CA VAL C 146 -5.86 -6.74 12.90
C VAL C 146 -6.29 -7.74 11.84
N PHE C 147 -7.23 -8.62 12.18
CA PHE C 147 -7.78 -9.64 11.28
C PHE C 147 -6.66 -10.63 10.97
N THR C 148 -6.53 -11.12 9.75
CA THR C 148 -5.49 -12.06 9.38
C THR C 148 -4.47 -11.40 8.47
N LEU C 149 -4.18 -10.13 8.72
CA LEU C 149 -3.14 -9.42 8.00
C LEU C 149 -1.75 -9.95 8.35
N PRO C 150 -1.46 -10.36 9.60
CA PRO C 150 -0.16 -10.97 9.85
C PRO C 150 0.04 -12.25 9.07
N PHE C 151 -0.96 -13.12 9.03
CA PHE C 151 -0.89 -14.34 8.24
C PHE C 151 -0.69 -14.01 6.77
N ASN C 152 -1.41 -13.01 6.27
CA ASN C 152 -1.35 -12.71 4.85
C ASN C 152 0.00 -12.14 4.47
N MET C 153 0.55 -11.25 5.28
CA MET C 153 1.89 -10.73 5.02
C MET C 153 2.94 -11.81 5.13
N ALA C 154 2.86 -12.67 6.15
CA ALA C 154 3.83 -13.75 6.29
C ALA C 154 3.77 -14.73 5.12
N LEU C 155 2.56 -15.09 4.68
CA LEU C 155 2.45 -16.07 3.61
C LEU C 155 2.81 -15.46 2.26
N SER C 156 2.43 -14.22 2.01
CA SER C 156 2.86 -13.56 0.79
C SER C 156 4.38 -13.48 0.73
N MET C 157 5.01 -13.10 1.85
CA MET C 157 6.46 -13.02 1.92
C MET C 157 7.10 -14.38 1.67
N TYR C 158 6.57 -15.44 2.29
CA TYR C 158 7.15 -16.76 2.13
C TYR C 158 6.98 -17.30 0.71
N LEU C 159 5.77 -17.19 0.16
CA LEU C 159 5.49 -17.75 -1.16
C LEU C 159 6.16 -16.94 -2.26
N SER C 160 6.48 -15.68 -2.00
CA SER C 160 7.33 -14.92 -2.90
C SER C 160 8.79 -15.34 -2.77
N ALA C 161 9.27 -15.52 -1.54
CA ALA C 161 10.67 -15.86 -1.32
C ALA C 161 11.00 -17.22 -1.94
N THR C 162 10.10 -18.18 -1.82
CA THR C 162 10.37 -19.52 -2.34
C THR C 162 9.92 -19.62 -3.80
N GLY C 163 8.63 -19.53 -4.04
CA GLY C 163 8.11 -19.66 -5.38
C GLY C 163 8.08 -21.09 -5.84
N HIS C 164 7.69 -21.27 -7.10
CA HIS C 164 7.55 -22.60 -7.65
C HIS C 164 8.89 -23.26 -7.96
N TYR C 165 9.94 -22.47 -8.15
CA TYR C 165 11.21 -22.99 -8.64
C TYR C 165 12.29 -23.02 -7.57
N ASN C 166 11.92 -22.96 -6.31
CA ASN C 166 12.90 -23.09 -5.25
C ASN C 166 13.39 -24.53 -5.19
N PRO C 167 14.70 -24.77 -5.15
CA PRO C 167 15.18 -26.15 -5.07
C PRO C 167 14.87 -26.84 -3.75
N PHE C 168 14.64 -26.09 -2.68
CA PHE C 168 14.40 -26.64 -1.36
C PHE C 168 12.91 -26.78 -1.06
N PHE C 169 12.19 -25.66 -1.03
CA PHE C 169 10.77 -25.62 -0.69
C PHE C 169 10.01 -25.01 -1.85
N PRO C 170 9.69 -25.80 -2.87
CA PRO C 170 8.91 -25.27 -3.99
C PRO C 170 7.44 -25.14 -3.62
N ALA C 171 6.81 -24.09 -4.11
CA ALA C 171 5.41 -23.84 -3.86
C ALA C 171 4.57 -24.30 -5.05
N LYS C 172 3.26 -24.27 -4.87
CA LYS C 172 2.36 -24.56 -5.96
C LYS C 172 2.44 -23.47 -7.02
N LEU C 173 2.18 -23.85 -8.26
CA LEU C 173 2.19 -22.88 -9.35
C LEU C 173 0.86 -22.17 -9.41
N VAL C 174 0.88 -20.85 -9.21
CA VAL C 174 -0.30 -20.01 -9.36
C VAL C 174 -0.30 -19.47 -10.78
N ILE C 175 -1.25 -19.95 -11.58
CA ILE C 175 -1.31 -19.62 -13.01
C ILE C 175 -2.37 -18.55 -13.20
N PRO C 176 -2.09 -17.48 -13.94
CA PRO C 176 -3.16 -16.57 -14.35
C PRO C 176 -4.03 -17.20 -15.42
N ILE C 177 -5.25 -16.73 -15.50
CA ILE C 177 -6.15 -17.13 -16.58
C ILE C 177 -5.74 -16.42 -17.85
N THR C 178 -5.70 -17.16 -18.96
CA THR C 178 -5.34 -16.59 -20.25
C THR C 178 -6.27 -17.07 -21.36
N THR C 179 -7.41 -17.65 -21.00
CA THR C 179 -8.42 -18.02 -21.98
C THR C 179 -9.76 -18.05 -21.26
N ALA C 180 -10.83 -17.81 -22.01
CA ALA C 180 -12.15 -17.76 -21.41
C ALA C 180 -12.60 -19.16 -21.02
N PRO C 181 -13.14 -19.35 -19.82
CA PRO C 181 -13.62 -20.68 -19.43
C PRO C 181 -14.92 -21.01 -20.14
N GLN C 182 -15.07 -22.28 -20.48
CA GLN C 182 -16.31 -22.78 -21.07
C GLN C 182 -17.18 -23.32 -19.94
N ILE C 183 -18.24 -22.58 -19.61
CA ILE C 183 -19.17 -22.96 -18.55
C ILE C 183 -20.41 -23.57 -19.21
N SER C 184 -20.80 -24.74 -18.75
CA SER C 184 -22.00 -25.42 -19.25
C SER C 184 -23.05 -25.33 -18.15
N TRP C 185 -23.93 -24.32 -18.26
CA TRP C 185 -24.90 -24.06 -17.21
C TRP C 185 -25.91 -25.19 -17.05
N SER C 186 -26.01 -26.10 -18.01
CA SER C 186 -26.87 -27.26 -17.84
C SER C 186 -26.25 -28.33 -16.96
N ASP C 187 -24.94 -28.27 -16.74
CA ASP C 187 -24.25 -29.20 -15.86
C ASP C 187 -24.13 -28.69 -14.44
N LEU C 188 -24.72 -27.54 -14.13
CA LEU C 188 -24.68 -27.02 -12.77
C LEU C 188 -25.48 -27.92 -11.85
N SER C 189 -24.87 -28.33 -10.75
CA SER C 189 -25.51 -29.23 -9.79
C SER C 189 -26.04 -28.40 -8.62
N ALA C 190 -27.30 -28.61 -8.28
CA ALA C 190 -27.84 -28.00 -7.08
C ALA C 190 -27.28 -28.64 -5.82
N LEU C 191 -27.00 -29.94 -5.87
CA LEU C 191 -26.44 -30.63 -4.72
C LEU C 191 -25.02 -30.16 -4.42
N GLU C 192 -24.21 -30.00 -5.47
CA GLU C 192 -22.86 -29.48 -5.27
C GLU C 192 -22.88 -28.03 -4.80
N LEU C 193 -23.86 -27.25 -5.26
CA LEU C 193 -23.98 -25.88 -4.78
C LEU C 193 -24.40 -25.83 -3.32
N LEU C 194 -25.23 -26.77 -2.90
CA LEU C 194 -25.59 -26.86 -1.48
C LEU C 194 -24.41 -27.33 -0.64
N LYS C 195 -23.62 -28.26 -1.17
CA LYS C 195 -22.44 -28.76 -0.48
C LYS C 195 -21.33 -27.73 -0.44
N SER C 196 -21.33 -26.75 -1.32
CA SER C 196 -20.32 -25.70 -1.31
C SER C 196 -20.47 -24.74 -0.14
N ILE C 197 -21.56 -24.80 0.61
CA ILE C 197 -21.74 -23.91 1.76
C ILE C 197 -20.81 -24.34 2.89
N PRO C 198 -20.77 -25.61 3.31
CA PRO C 198 -19.75 -26.01 4.30
C PRO C 198 -18.35 -26.01 3.75
N VAL C 199 -18.16 -26.18 2.45
CA VAL C 199 -16.81 -26.25 1.90
C VAL C 199 -16.13 -24.87 1.92
N GLY C 200 -16.88 -23.78 1.85
CA GLY C 200 -16.26 -22.47 2.01
C GLY C 200 -15.86 -22.19 3.45
N VAL C 201 -16.70 -22.61 4.39
CA VAL C 201 -16.32 -22.53 5.81
C VAL C 201 -15.10 -23.38 6.08
N GLY C 202 -15.00 -24.55 5.44
CA GLY C 202 -13.80 -25.35 5.57
C GLY C 202 -12.58 -24.68 4.95
N GLN C 203 -12.75 -24.08 3.77
CA GLN C 203 -11.67 -23.37 3.11
C GLN C 203 -11.21 -22.15 3.87
N ILE C 204 -11.98 -21.69 4.85
CA ILE C 204 -11.42 -20.72 5.80
C ILE C 204 -10.05 -21.17 6.30
N TYR C 205 -9.86 -22.46 6.52
CA TYR C 205 -8.59 -23.04 6.91
C TYR C 205 -7.85 -23.69 5.74
N GLY C 206 -8.37 -23.59 4.52
CA GLY C 206 -7.74 -24.24 3.39
C GLY C 206 -8.18 -25.65 3.13
N CYS C 207 -9.28 -26.09 3.72
CA CYS C 207 -9.70 -27.49 3.69
C CYS C 207 -10.91 -27.66 2.79
N ASP C 208 -10.77 -28.49 1.76
CA ASP C 208 -11.84 -28.73 0.79
C ASP C 208 -12.77 -29.86 1.20
N ASN C 209 -12.55 -30.49 2.34
CA ASN C 209 -13.46 -31.53 2.79
C ASN C 209 -14.78 -30.89 3.20
N PRO C 210 -15.93 -31.46 2.81
CA PRO C 210 -17.19 -30.95 3.33
C PRO C 210 -17.45 -31.37 4.77
N TRP C 211 -16.93 -32.52 5.19
CA TRP C 211 -17.05 -32.92 6.58
C TRP C 211 -16.22 -32.01 7.48
N THR C 212 -15.05 -31.60 7.01
CA THR C 212 -14.24 -30.65 7.77
C THR C 212 -14.98 -29.32 7.91
N GLY C 213 -15.64 -28.86 6.86
CA GLY C 213 -16.41 -27.64 6.96
C GLY C 213 -17.62 -27.78 7.88
N GLY C 214 -18.25 -28.95 7.87
CA GLY C 214 -19.33 -29.19 8.82
C GLY C 214 -18.85 -29.21 10.26
N ILE C 215 -17.66 -29.76 10.49
CA ILE C 215 -17.09 -29.76 11.84
C ILE C 215 -16.71 -28.36 12.27
N PHE C 216 -16.20 -27.54 11.33
CA PHE C 216 -15.90 -26.15 11.66
C PHE C 216 -17.17 -25.37 11.97
N LEU C 217 -18.25 -25.61 11.22
CA LEU C 217 -19.51 -24.96 11.52
C LEU C 217 -20.06 -25.42 12.87
N GLY C 218 -19.84 -26.69 13.21
CA GLY C 218 -20.24 -27.15 14.53
C GLY C 218 -19.46 -26.49 15.65
N ALA C 219 -18.17 -26.26 15.45
CA ALA C 219 -17.37 -25.55 16.43
C ALA C 219 -17.85 -24.11 16.59
N ILE C 220 -18.09 -23.43 15.47
CA ILE C 220 -18.59 -22.05 15.53
C ILE C 220 -19.94 -22.00 16.21
N LEU C 221 -20.80 -22.99 15.94
CA LEU C 221 -22.11 -23.05 16.58
C LEU C 221 -21.98 -23.30 18.08
N LEU C 222 -20.98 -24.09 18.47
CA LEU C 222 -20.73 -24.27 19.90
C LEU C 222 -20.37 -22.95 20.55
N SER C 223 -19.55 -22.13 19.89
CA SER C 223 -19.25 -20.82 20.46
C SER C 223 -20.48 -19.92 20.45
N SER C 224 -20.98 -19.60 19.26
CA SER C 224 -22.13 -18.71 19.13
C SER C 224 -22.96 -19.10 17.92
N PRO C 225 -24.25 -19.40 18.09
CA PRO C 225 -25.09 -19.74 16.94
C PRO C 225 -25.19 -18.63 15.89
N LEU C 226 -25.15 -17.37 16.29
CA LEU C 226 -25.19 -16.28 15.33
C LEU C 226 -23.95 -16.26 14.44
N MET C 227 -22.80 -16.60 15.01
CA MET C 227 -21.58 -16.71 14.21
C MET C 227 -21.69 -17.82 13.18
N CYS C 228 -22.28 -18.95 13.57
CA CYS C 228 -22.48 -20.05 12.63
C CYS C 228 -23.42 -19.64 11.50
N LEU C 229 -24.53 -18.98 11.86
CA LEU C 229 -25.48 -18.50 10.87
C LEU C 229 -24.79 -17.57 9.87
N HIS C 230 -23.99 -16.63 10.38
CA HIS C 230 -23.36 -15.69 9.46
C HIS C 230 -22.24 -16.31 8.66
N ALA C 231 -21.56 -17.32 9.20
CA ALA C 231 -20.57 -18.07 8.42
C ALA C 231 -21.22 -18.77 7.24
N ALA C 232 -22.31 -19.50 7.51
CA ALA C 232 -23.05 -20.17 6.45
C ALA C 232 -23.59 -19.18 5.42
N ILE C 233 -24.14 -18.06 5.88
CA ILE C 233 -24.74 -17.09 4.97
C ILE C 233 -23.67 -16.42 4.11
N GLY C 234 -22.51 -16.13 4.68
CA GLY C 234 -21.44 -15.56 3.88
C GLY C 234 -20.86 -16.51 2.86
N SER C 235 -20.73 -17.79 3.21
CA SER C 235 -20.33 -18.78 2.21
C SER C 235 -21.36 -18.89 1.09
N LEU C 236 -22.65 -18.84 1.43
CA LEU C 236 -23.70 -18.86 0.40
C LEU C 236 -23.64 -17.62 -0.48
N LEU C 237 -23.41 -16.44 0.10
CA LEU C 237 -23.33 -15.23 -0.69
C LEU C 237 -22.10 -15.23 -1.59
N GLY C 238 -21.02 -15.88 -1.17
CA GLY C 238 -19.90 -16.07 -2.07
C GLY C 238 -20.22 -16.98 -3.23
N ILE C 239 -20.96 -18.07 -2.98
CA ILE C 239 -21.48 -18.89 -4.06
C ILE C 239 -22.26 -18.03 -5.05
N ALA C 240 -23.14 -17.18 -4.54
CA ALA C 240 -23.99 -16.36 -5.40
C ALA C 240 -23.17 -15.39 -6.24
N ALA C 241 -22.18 -14.74 -5.63
CA ALA C 241 -21.31 -13.85 -6.39
C ALA C 241 -20.51 -14.59 -7.46
N GLY C 242 -20.03 -15.79 -7.13
CA GLY C 242 -19.31 -16.58 -8.12
C GLY C 242 -20.18 -16.96 -9.29
N LEU C 243 -21.45 -17.29 -9.03
CA LEU C 243 -22.35 -17.55 -10.15
C LEU C 243 -22.65 -16.28 -10.94
N SER C 244 -22.75 -15.14 -10.26
CA SER C 244 -23.02 -13.88 -10.96
C SER C 244 -21.86 -13.46 -11.85
N LEU C 245 -20.62 -13.89 -11.58
CA LEU C 245 -19.51 -13.58 -12.45
C LEU C 245 -19.13 -14.73 -13.38
N SER C 246 -20.03 -15.71 -13.54
CA SER C 246 -19.80 -16.84 -14.44
C SER C 246 -18.49 -17.56 -14.15
N ALA C 247 -18.21 -17.78 -12.87
CA ALA C 247 -16.99 -18.47 -12.49
C ALA C 247 -17.09 -19.95 -12.84
N PRO C 248 -15.95 -20.60 -13.09
CA PRO C 248 -15.96 -22.06 -13.25
C PRO C 248 -16.61 -22.74 -12.06
N PHE C 249 -17.52 -23.67 -12.34
CA PHE C 249 -18.25 -24.33 -11.26
C PHE C 249 -17.32 -25.06 -10.32
N GLU C 250 -16.19 -25.55 -10.81
CA GLU C 250 -15.28 -26.31 -9.97
C GLU C 250 -14.59 -25.43 -8.93
N ASN C 251 -14.57 -24.12 -9.14
CA ASN C 251 -14.02 -23.21 -8.14
C ASN C 251 -15.04 -22.87 -7.07
N ILE C 252 -16.32 -22.88 -7.42
CA ILE C 252 -17.38 -22.68 -6.43
C ILE C 252 -17.58 -23.94 -5.61
N TYR C 253 -17.45 -25.11 -6.26
CA TYR C 253 -17.59 -26.37 -5.55
C TYR C 253 -16.45 -26.61 -4.59
N PHE C 254 -15.27 -26.08 -4.90
CA PHE C 254 -14.10 -26.20 -4.06
C PHE C 254 -14.14 -25.27 -2.87
N GLY C 255 -15.09 -24.34 -2.83
CA GLY C 255 -15.21 -23.42 -1.73
C GLY C 255 -14.30 -22.22 -1.79
N LEU C 256 -13.68 -21.95 -2.93
CA LEU C 256 -12.80 -20.81 -3.04
C LEU C 256 -13.55 -19.50 -3.12
N TRP C 257 -14.86 -19.54 -3.31
CA TRP C 257 -15.66 -18.35 -3.44
C TRP C 257 -16.37 -17.96 -2.15
N GLY C 258 -16.36 -18.82 -1.13
CA GLY C 258 -17.12 -18.57 0.06
C GLY C 258 -16.35 -18.33 1.33
N PHE C 259 -15.03 -18.52 1.34
CA PHE C 259 -14.32 -18.45 2.62
C PHE C 259 -14.02 -17.01 3.04
N ASN C 260 -13.64 -16.15 2.10
CA ASN C 260 -13.46 -14.74 2.40
C ASN C 260 -14.76 -14.07 2.80
N SER C 261 -15.83 -14.30 2.04
CA SER C 261 -17.12 -13.75 2.39
C SER C 261 -17.70 -14.37 3.65
N SER C 262 -17.38 -15.63 3.94
CA SER C 262 -17.77 -16.22 5.21
C SER C 262 -17.13 -15.48 6.37
N LEU C 263 -15.82 -15.27 6.31
CA LEU C 263 -15.14 -14.48 7.33
C LEU C 263 -15.67 -13.06 7.44
N ALA C 264 -15.96 -12.41 6.32
CA ALA C 264 -16.48 -11.05 6.34
C ALA C 264 -17.89 -10.95 6.91
N CYS C 265 -18.74 -11.94 6.64
CA CYS C 265 -20.06 -11.98 7.25
C CYS C 265 -19.98 -12.31 8.74
N ILE C 266 -19.03 -13.13 9.16
CA ILE C 266 -18.85 -13.36 10.59
C ILE C 266 -18.42 -12.07 11.28
N ALA C 267 -17.41 -11.40 10.72
CA ALA C 267 -16.88 -10.19 11.34
C ALA C 267 -17.94 -9.09 11.40
N MET C 268 -18.63 -8.84 10.29
CA MET C 268 -19.58 -7.75 10.26
C MET C 268 -20.89 -8.09 10.94
N GLY C 269 -21.31 -9.35 10.88
CA GLY C 269 -22.60 -9.73 11.42
C GLY C 269 -22.59 -10.01 12.90
N GLY C 270 -22.50 -8.96 13.70
CA GLY C 270 -22.65 -9.10 15.14
C GLY C 270 -21.36 -9.16 15.91
N MET C 271 -20.22 -9.26 15.24
CA MET C 271 -18.95 -9.49 15.93
C MET C 271 -18.26 -8.17 16.25
N PHE C 272 -17.79 -7.47 15.22
CA PHE C 272 -17.17 -6.18 15.39
C PHE C 272 -18.13 -5.04 15.13
N MET C 273 -19.37 -5.35 14.78
CA MET C 273 -20.44 -4.39 14.70
C MET C 273 -21.61 -5.01 15.45
N ALA C 274 -22.25 -4.26 16.33
CA ALA C 274 -23.37 -4.82 17.07
C ALA C 274 -24.46 -5.31 16.11
N LEU C 275 -25.17 -6.35 16.51
CA LEU C 275 -26.11 -7.04 15.63
C LEU C 275 -27.48 -6.39 15.74
N THR C 276 -27.84 -5.63 14.70
CA THR C 276 -29.18 -5.17 14.45
C THR C 276 -29.59 -5.70 13.08
N TRP C 277 -30.81 -5.40 12.63
CA TRP C 277 -31.14 -5.85 11.29
C TRP C 277 -30.40 -5.03 10.23
N GLN C 278 -30.13 -3.75 10.51
CA GLN C 278 -29.32 -2.93 9.64
C GLN C 278 -27.89 -3.44 9.51
N THR C 279 -27.26 -3.84 10.60
CA THR C 279 -25.92 -4.41 10.51
C THR C 279 -25.92 -5.82 9.95
N HIS C 280 -27.03 -6.54 10.05
CA HIS C 280 -27.14 -7.81 9.35
C HIS C 280 -27.14 -7.61 7.84
N LEU C 281 -27.96 -6.66 7.35
CA LEU C 281 -27.95 -6.36 5.93
C LEU C 281 -26.60 -5.81 5.49
N LEU C 282 -25.97 -4.99 6.32
CA LEU C 282 -24.63 -4.50 6.01
C LEU C 282 -23.61 -5.64 5.97
N ALA C 283 -23.80 -6.68 6.79
CA ALA C 283 -22.91 -7.84 6.73
C ALA C 283 -23.13 -8.66 5.47
N LEU C 284 -24.38 -8.74 5.01
CA LEU C 284 -24.64 -9.36 3.70
C LEU C 284 -23.97 -8.59 2.58
N GLY C 285 -24.07 -7.26 2.62
CA GLY C 285 -23.39 -6.45 1.62
C GLY C 285 -21.88 -6.59 1.67
N CYS C 286 -21.32 -6.68 2.88
CA CYS C 286 -19.89 -6.89 3.02
C CYS C 286 -19.48 -8.26 2.51
N ALA C 287 -20.31 -9.28 2.72
CA ALA C 287 -20.02 -10.61 2.21
C ALA C 287 -19.97 -10.62 0.68
N LEU C 288 -20.95 -9.98 0.03
CA LEU C 288 -20.94 -9.90 -1.43
C LEU C 288 -19.75 -9.09 -1.93
N PHE C 289 -19.52 -7.92 -1.34
CA PHE C 289 -18.37 -7.10 -1.71
C PHE C 289 -17.07 -7.87 -1.55
N THR C 290 -16.96 -8.69 -0.50
CA THR C 290 -15.75 -9.45 -0.24
C THR C 290 -15.58 -10.62 -1.20
N ALA C 291 -16.66 -11.23 -1.65
CA ALA C 291 -16.55 -12.23 -2.70
C ALA C 291 -16.02 -11.61 -3.99
N TYR C 292 -16.56 -10.45 -4.36
CA TYR C 292 -16.11 -9.80 -5.59
C TYR C 292 -14.68 -9.30 -5.48
N LEU C 293 -14.31 -8.71 -4.33
CA LEU C 293 -12.92 -8.35 -4.11
C LEU C 293 -12.02 -9.57 -4.05
N GLY C 294 -12.57 -10.72 -3.63
CA GLY C 294 -11.78 -11.94 -3.60
C GLY C 294 -11.40 -12.39 -4.98
N VAL C 295 -12.36 -12.41 -5.91
CA VAL C 295 -11.99 -12.77 -7.27
C VAL C 295 -11.12 -11.70 -7.91
N GLY C 296 -11.33 -10.43 -7.57
CA GLY C 296 -10.46 -9.39 -8.07
C GLY C 296 -9.01 -9.57 -7.65
N MET C 297 -8.80 -9.74 -6.35
CA MET C 297 -7.44 -9.93 -5.82
C MET C 297 -6.85 -11.26 -6.25
N ALA C 298 -7.67 -12.29 -6.45
CA ALA C 298 -7.14 -13.55 -6.95
C ALA C 298 -6.61 -13.39 -8.36
N ASN C 299 -7.40 -12.76 -9.24
CA ASN C 299 -6.93 -12.51 -10.59
C ASN C 299 -5.72 -11.60 -10.62
N PHE C 300 -5.68 -10.60 -9.73
CA PHE C 300 -4.60 -9.63 -9.77
C PHE C 300 -3.30 -10.22 -9.22
N MET C 301 -3.39 -10.98 -8.13
CA MET C 301 -2.21 -11.56 -7.51
C MET C 301 -1.75 -12.83 -8.20
N ALA C 302 -2.59 -13.45 -9.03
CA ALA C 302 -2.13 -14.53 -9.89
C ALA C 302 -1.10 -14.03 -10.89
N GLU C 303 -1.12 -12.74 -11.20
CA GLU C 303 -0.17 -12.19 -12.15
C GLU C 303 1.24 -12.12 -11.58
N VAL C 304 1.36 -11.92 -10.27
CA VAL C 304 2.66 -11.95 -9.59
C VAL C 304 2.95 -13.31 -8.97
N GLY C 305 2.21 -14.34 -9.36
CA GLY C 305 2.47 -15.69 -8.91
C GLY C 305 2.03 -16.01 -7.50
N LEU C 306 1.07 -15.26 -6.97
CA LEU C 306 0.70 -15.40 -5.57
C LEU C 306 -0.79 -15.70 -5.42
N PRO C 307 -1.18 -16.38 -4.36
CA PRO C 307 -2.61 -16.52 -4.06
C PRO C 307 -3.14 -15.34 -3.26
N ALA C 308 -4.43 -15.06 -3.44
CA ALA C 308 -5.03 -13.94 -2.73
C ALA C 308 -5.19 -14.24 -1.25
N CYS C 309 -5.46 -15.52 -0.95
CA CYS C 309 -5.67 -15.96 0.46
C CYS C 309 -6.84 -15.18 1.06
N THR C 310 -6.64 -14.57 2.23
CA THR C 310 -7.69 -13.80 2.89
C THR C 310 -7.40 -12.30 2.91
N TRP C 311 -6.53 -11.82 2.03
CA TRP C 311 -6.37 -10.40 1.78
C TRP C 311 -7.70 -9.72 1.49
N PRO C 312 -8.58 -10.32 0.67
CA PRO C 312 -9.89 -9.69 0.44
C PRO C 312 -10.70 -9.51 1.70
N PHE C 313 -10.78 -10.53 2.56
CA PHE C 313 -11.53 -10.39 3.80
C PHE C 313 -10.99 -9.25 4.64
N CYS C 314 -9.68 -9.20 4.84
CA CYS C 314 -9.09 -8.17 5.68
C CYS C 314 -9.35 -6.78 5.10
N LEU C 315 -9.08 -6.58 3.81
CA LEU C 315 -9.23 -5.26 3.22
C LEU C 315 -10.70 -4.82 3.20
N ALA C 316 -11.60 -5.71 2.80
CA ALA C 316 -13.01 -5.35 2.70
C ALA C 316 -13.62 -5.10 4.06
N THR C 317 -13.26 -5.89 5.06
CA THR C 317 -13.84 -5.70 6.39
C THR C 317 -13.27 -4.47 7.06
N LEU C 318 -11.98 -4.18 6.86
CA LEU C 318 -11.44 -2.91 7.34
C LEU C 318 -12.12 -1.74 6.67
N LEU C 319 -12.41 -1.85 5.36
CA LEU C 319 -13.11 -0.80 4.66
C LEU C 319 -14.51 -0.57 5.24
N PHE C 320 -15.23 -1.65 5.51
CA PHE C 320 -16.58 -1.52 6.04
C PHE C 320 -16.60 -1.10 7.50
N LEU C 321 -15.51 -1.32 8.24
CA LEU C 321 -15.44 -0.86 9.62
C LEU C 321 -14.98 0.59 9.73
N ILE C 322 -14.14 1.05 8.80
CA ILE C 322 -13.72 2.44 8.77
C ILE C 322 -14.85 3.33 8.27
N MET C 323 -15.75 2.78 7.46
CA MET C 323 -16.91 3.53 6.98
C MET C 323 -17.73 4.06 8.16
N THR C 324 -18.18 5.31 8.03
CA THR C 324 -19.01 5.94 9.05
C THR C 324 -20.37 6.26 8.48
N THR C 325 -21.41 6.10 9.30
CA THR C 325 -22.75 6.53 8.97
C THR C 325 -23.27 7.39 10.10
N LYS C 326 -24.38 8.07 9.86
CA LYS C 326 -25.12 8.76 10.91
C LYS C 326 -26.30 7.95 11.40
N ASN C 327 -26.36 6.68 11.03
CA ASN C 327 -27.36 5.75 11.55
C ASN C 327 -26.90 5.29 12.93
N SER C 328 -27.78 5.47 13.93
CA SER C 328 -27.43 5.05 15.28
C SER C 328 -27.50 3.54 15.47
N ASN C 329 -28.30 2.86 14.66
CA ASN C 329 -28.45 1.42 14.72
C ASN C 329 -27.40 0.68 13.91
N ILE C 330 -26.46 1.39 13.30
CA ILE C 330 -25.29 0.79 12.69
C ILE C 330 -24.13 1.17 13.60
N TYR C 331 -23.86 0.30 14.57
CA TYR C 331 -22.98 0.61 15.69
C TYR C 331 -21.74 -0.26 15.65
N LYS C 332 -20.57 0.37 15.68
CA LYS C 332 -19.31 -0.34 15.70
C LYS C 332 -18.89 -0.63 17.13
N MET C 333 -18.64 -1.89 17.42
CA MET C 333 -18.32 -2.29 18.78
C MET C 333 -16.94 -1.78 19.18
N PRO C 334 -16.79 -1.28 20.41
CA PRO C 334 -15.44 -1.03 20.93
C PRO C 334 -14.65 -2.33 21.04
N LEU C 335 -13.39 -2.29 20.60
CA LEU C 335 -12.60 -3.50 20.56
C LEU C 335 -12.39 -4.11 21.93
N SER C 336 -12.48 -3.31 22.99
CA SER C 336 -12.31 -3.84 24.33
C SER C 336 -13.52 -4.63 24.80
N LYS C 337 -14.67 -4.47 24.13
CA LYS C 337 -15.91 -5.11 24.53
C LYS C 337 -16.40 -6.15 23.53
N VAL C 338 -15.53 -6.59 22.63
CA VAL C 338 -15.90 -7.51 21.57
C VAL C 338 -15.63 -8.93 22.08
N THR C 339 -16.70 -9.66 22.37
CA THR C 339 -16.61 -11.05 22.81
C THR C 339 -17.24 -11.98 21.78
N TYR C 340 -18.55 -12.00 21.68
CA TYR C 340 -19.25 -12.79 20.67
C TYR C 340 -20.67 -12.23 20.52
N PRO C 341 -21.30 -12.42 19.36
CA PRO C 341 -22.45 -11.58 18.99
C PRO C 341 -23.54 -11.47 20.02
N GLU C 342 -23.78 -12.49 20.84
CA GLU C 342 -24.83 -12.40 21.84
C GLU C 342 -24.47 -11.38 22.92
N GLU C 343 -23.29 -11.52 23.52
CA GLU C 343 -22.85 -10.54 24.51
C GLU C 343 -22.64 -9.17 23.88
N ASN C 344 -22.18 -9.12 22.64
CA ASN C 344 -22.04 -7.84 21.96
C ASN C 344 -23.38 -7.14 21.84
N ARG C 345 -24.43 -7.88 21.52
CA ARG C 345 -25.75 -7.27 21.39
C ARG C 345 -26.28 -6.83 22.74
N ILE C 346 -26.05 -7.60 23.79
CA ILE C 346 -26.47 -7.16 25.13
C ILE C 346 -25.76 -5.86 25.50
N PHE C 347 -24.45 -5.79 25.26
CA PHE C 347 -23.70 -4.58 25.54
C PHE C 347 -24.23 -3.40 24.75
N TYR C 348 -24.51 -3.61 23.46
CA TYR C 348 -25.01 -2.52 22.62
C TYR C 348 -26.39 -2.06 23.08
N LEU C 349 -27.25 -2.98 23.49
CA LEU C 349 -28.57 -2.58 23.97
C LEU C 349 -28.46 -1.75 25.24
N GLN C 350 -27.58 -2.15 26.16
CA GLN C 350 -27.40 -1.36 27.37
C GLN C 350 -26.82 0.01 27.06
N ALA C 351 -25.85 0.08 26.15
CA ALA C 351 -25.29 1.37 25.78
C ALA C 351 -26.30 2.25 25.05
N LYS C 352 -27.22 1.64 24.30
CA LYS C 352 -28.24 2.41 23.60
C LYS C 352 -29.29 2.92 24.56
N LYS C 353 -29.57 2.16 25.62
CA LYS C 353 -30.41 2.70 26.70
C LYS C 353 -29.70 3.85 27.40
N ARG C 354 -28.39 3.73 27.59
CA ARG C 354 -27.65 4.82 28.21
C ARG C 354 -27.57 6.05 27.30
N MET C 355 -27.70 5.85 25.98
CA MET C 355 -27.65 6.98 25.07
C MET C 355 -28.93 7.81 25.13
N VAL C 356 -30.08 7.16 25.27
CA VAL C 356 -31.35 7.86 25.37
C VAL C 356 -31.49 8.47 26.76
#